data_2PP3
#
_entry.id   2PP3
#
_cell.length_a   174.234
_cell.length_b   174.234
_cell.length_c   123.573
_cell.angle_alpha   90.00
_cell.angle_beta   90.00
_cell.angle_gamma   90.00
#
_symmetry.space_group_name_H-M   'P 4 2 2'
#
loop_
_entity.id
_entity.type
_entity.pdbx_description
1 polymer 'L-talarate/galactarate dehydratase'
2 non-polymer 'MAGNESIUM ION'
3 non-polymer 'L-GLUCARIC ACID'
4 water water
#
_entity_poly.entity_id   1
_entity_poly.type   'polypeptide(L)'
_entity_poly.pdbx_seq_one_letter_code
;MALSANSDAVTYAKAANTRTAAETGDRIEWVKLSLAFLPLATPVSDAKVLTGRQKPLTEVAIIIAEIRSRDGFEGVGFSY
SKRAGGQGIYAHAKEIADNLLGEDPNDIDKIYTKLLWAGASVGRSGMAVQAISPIDIALWDMKAKRAGLPLAKLLGAHRD
SVQCYNTSGGFLHTPLDQVLKNVVISRENGIGGIKLAVGQPNCAEDIRRLTAVREALGDEFPLMVDANQQWDRETAIRMG
RKMEQFNLIWIEEPLDAYDIEGHAQLAAALDTPIATGEMLTSFREHEQLILGNASDFVQPDAPRVGGISPFLKIMDLAAK
HGRKLAPHFAMEVHLHLSAAYPLEPWLEHFEWLNPLFNEQLELRDGRMWISDRHGLGFTLSEQARRWTQLTCEFGKRP
;
_entity_poly.pdbx_strand_id   A,B,C
#
# COMPACT_ATOMS: atom_id res chain seq x y z
N SER A 4 57.56 24.09 -11.23
CA SER A 4 57.89 25.54 -11.03
C SER A 4 56.64 26.38 -10.77
N ALA A 5 56.33 26.60 -9.49
CA ALA A 5 55.16 27.39 -9.15
C ALA A 5 55.33 28.83 -9.64
N ASN A 6 56.52 29.39 -9.46
CA ASN A 6 56.78 30.75 -9.90
C ASN A 6 58.26 30.94 -10.28
N SER A 7 58.60 32.13 -10.77
CA SER A 7 59.97 32.45 -11.17
C SER A 7 60.25 33.95 -10.99
N ASP A 8 61.41 34.41 -11.44
CA ASP A 8 61.76 35.82 -11.33
C ASP A 8 60.94 36.69 -12.25
N ALA A 9 60.35 36.07 -13.27
CA ALA A 9 59.54 36.79 -14.22
C ALA A 9 58.11 36.31 -14.02
N VAL A 10 57.41 36.09 -15.12
CA VAL A 10 56.04 35.61 -15.04
C VAL A 10 55.88 34.61 -16.18
N THR A 11 55.09 33.57 -15.97
CA THR A 11 54.89 32.57 -17.01
C THR A 11 53.41 32.31 -17.19
N TYR A 12 53.03 31.81 -18.37
CA TYR A 12 51.64 31.54 -18.66
C TYR A 12 51.36 30.13 -19.16
N ALA A 13 50.39 29.47 -18.52
CA ALA A 13 50.00 28.12 -18.91
C ALA A 13 49.12 28.20 -20.14
N LYS A 14 49.19 27.17 -20.98
CA LYS A 14 48.38 27.15 -22.20
C LYS A 14 47.41 25.99 -22.14
N ALA A 15 46.18 26.23 -22.60
CA ALA A 15 45.14 25.21 -22.58
C ALA A 15 45.22 24.23 -23.73
N ALA A 16 45.46 22.96 -23.40
CA ALA A 16 45.55 21.92 -24.42
C ALA A 16 44.18 21.77 -25.10
N ASN A 17 43.12 22.09 -24.37
CA ASN A 17 41.76 22.02 -24.88
C ASN A 17 41.08 23.37 -24.72
N THR A 18 40.82 24.03 -25.85
CA THR A 18 40.16 25.34 -25.84
C THR A 18 38.68 25.28 -26.16
N ARG A 19 38.07 24.12 -25.92
CA ARG A 19 36.65 23.90 -26.16
C ARG A 19 35.94 24.71 -25.06
N THR A 20 35.05 25.64 -25.43
CA THR A 20 34.38 26.46 -24.43
C THR A 20 32.94 26.11 -24.07
N ALA A 21 32.53 26.56 -22.88
CA ALA A 21 31.19 26.31 -22.38
C ALA A 21 30.18 26.99 -23.31
N ALA A 22 30.56 28.13 -23.88
CA ALA A 22 29.68 28.86 -24.76
C ALA A 22 29.39 28.09 -26.06
N GLU A 23 30.43 27.48 -26.63
CA GLU A 23 30.27 26.73 -27.88
C GLU A 23 29.61 25.37 -27.73
N THR A 24 29.64 24.79 -26.53
CA THR A 24 29.08 23.47 -26.33
C THR A 24 27.75 23.40 -25.58
N GLY A 25 27.32 24.51 -25.00
CA GLY A 25 26.08 24.52 -24.23
C GLY A 25 24.81 24.22 -25.00
N ASP A 26 23.81 23.72 -24.26
CA ASP A 26 22.51 23.38 -24.82
C ASP A 26 21.84 24.67 -25.32
N ARG A 27 20.75 24.52 -26.09
CA ARG A 27 20.03 25.65 -26.65
C ARG A 27 18.52 25.40 -26.66
N ILE A 28 17.74 26.41 -26.31
CA ILE A 28 16.28 26.29 -26.31
C ILE A 28 15.84 26.30 -27.77
N GLU A 29 15.01 25.34 -28.17
CA GLU A 29 14.57 25.27 -29.57
C GLU A 29 13.06 25.36 -29.74
N TRP A 30 12.32 25.17 -28.65
CA TRP A 30 10.88 25.20 -28.74
C TRP A 30 10.28 25.71 -27.43
N VAL A 31 9.20 26.47 -27.54
CA VAL A 31 8.50 27.01 -26.40
C VAL A 31 7.01 27.01 -26.70
N LYS A 32 6.22 26.55 -25.74
CA LYS A 32 4.76 26.53 -25.86
C LYS A 32 4.17 27.22 -24.64
N LEU A 33 3.22 28.12 -24.86
CA LEU A 33 2.56 28.82 -23.76
C LEU A 33 1.06 28.54 -23.83
N SER A 34 0.43 28.47 -22.67
CA SER A 34 -1.01 28.21 -22.62
C SER A 34 -1.68 29.04 -21.54
N LEU A 35 -2.92 29.45 -21.81
CA LEU A 35 -3.71 30.18 -20.83
C LEU A 35 -4.89 29.25 -20.56
N ALA A 36 -4.94 28.69 -19.36
CA ALA A 36 -6.02 27.79 -18.99
C ALA A 36 -6.79 28.36 -17.81
N PHE A 37 -8.04 27.95 -17.69
CA PHE A 37 -8.88 28.41 -16.61
C PHE A 37 -9.36 27.23 -15.77
N LEU A 38 -9.08 27.32 -14.47
CA LEU A 38 -9.44 26.31 -13.50
C LEU A 38 -10.76 26.73 -12.87
N PRO A 39 -11.85 26.00 -13.19
CA PRO A 39 -13.16 26.36 -12.63
C PRO A 39 -13.35 25.99 -11.17
N LEU A 40 -13.98 26.88 -10.42
CA LEU A 40 -14.26 26.62 -9.02
C LEU A 40 -15.78 26.44 -8.87
N ALA A 41 -16.19 25.18 -8.73
CA ALA A 41 -17.61 24.82 -8.59
C ALA A 41 -18.30 25.64 -7.50
N THR A 42 -17.61 25.78 -6.38
CA THR A 42 -18.15 26.55 -5.27
C THR A 42 -17.47 27.91 -5.25
N PRO A 43 -18.21 28.99 -5.56
CA PRO A 43 -17.63 30.34 -5.55
C PRO A 43 -16.99 30.60 -4.18
N VAL A 44 -15.75 31.09 -4.17
CA VAL A 44 -15.03 31.34 -2.93
C VAL A 44 -15.06 32.80 -2.48
N SER A 45 -15.35 33.03 -1.20
CA SER A 45 -15.40 34.38 -0.65
C SER A 45 -14.56 34.57 0.62
N ASP A 46 -13.61 35.48 0.58
CA ASP A 46 -12.85 35.79 1.79
C ASP A 46 -13.33 37.18 2.21
N ALA A 47 -12.68 37.79 3.20
CA ALA A 47 -13.11 39.11 3.68
C ALA A 47 -13.17 40.20 2.60
N LYS A 48 -12.35 40.07 1.56
CA LYS A 48 -12.35 41.06 0.48
C LYS A 48 -13.73 41.10 -0.19
N VAL A 49 -14.42 39.97 -0.13
CA VAL A 49 -15.75 39.86 -0.72
C VAL A 49 -16.80 40.38 0.26
N LEU A 50 -16.66 40.00 1.53
CA LEU A 50 -17.62 40.44 2.52
C LEU A 50 -17.58 41.95 2.80
N THR A 51 -16.48 42.61 2.46
CA THR A 51 -16.41 44.06 2.65
C THR A 51 -16.81 44.78 1.36
N GLY A 52 -17.08 44.01 0.31
CA GLY A 52 -17.49 44.60 -0.96
C GLY A 52 -16.40 45.05 -1.93
N ARG A 53 -15.15 44.78 -1.60
CA ARG A 53 -14.05 45.17 -2.48
C ARG A 53 -13.99 44.30 -3.74
N GLN A 54 -14.42 43.04 -3.63
CA GLN A 54 -14.38 42.12 -4.77
C GLN A 54 -15.59 41.20 -4.81
N LYS A 55 -15.77 40.52 -5.95
CA LYS A 55 -16.86 39.57 -6.13
C LYS A 55 -16.27 38.18 -5.81
N PRO A 56 -17.14 37.18 -5.54
CA PRO A 56 -16.64 35.83 -5.23
C PRO A 56 -15.75 35.29 -6.35
N LEU A 57 -14.72 34.54 -5.98
CA LEU A 57 -13.80 33.94 -6.94
C LEU A 57 -14.43 32.68 -7.54
N THR A 58 -14.59 32.64 -8.86
CA THR A 58 -15.20 31.49 -9.51
C THR A 58 -14.26 30.67 -10.39
N GLU A 59 -13.03 31.13 -10.55
CA GLU A 59 -12.07 30.41 -11.38
C GLU A 59 -10.65 30.94 -11.14
N VAL A 60 -9.66 30.22 -11.65
CA VAL A 60 -8.28 30.63 -11.50
C VAL A 60 -7.57 30.54 -12.85
N ALA A 61 -6.94 31.63 -13.26
CA ALA A 61 -6.22 31.63 -14.53
C ALA A 61 -4.88 30.97 -14.30
N ILE A 62 -4.49 30.11 -15.23
CA ILE A 62 -3.21 29.41 -15.14
C ILE A 62 -2.46 29.63 -16.44
N ILE A 63 -1.26 30.19 -16.35
CA ILE A 63 -0.45 30.44 -17.53
C ILE A 63 0.69 29.44 -17.47
N ILE A 64 0.74 28.58 -18.48
CA ILE A 64 1.74 27.53 -18.51
C ILE A 64 2.78 27.72 -19.59
N ALA A 65 4.03 27.40 -19.26
CA ALA A 65 5.11 27.50 -20.21
C ALA A 65 5.80 26.14 -20.28
N GLU A 66 6.01 25.64 -21.50
CA GLU A 66 6.69 24.37 -21.72
C GLU A 66 7.90 24.69 -22.58
N ILE A 67 9.08 24.27 -22.16
CA ILE A 67 10.29 24.55 -22.91
C ILE A 67 11.09 23.28 -23.24
N ARG A 68 11.53 23.17 -24.50
CA ARG A 68 12.31 22.02 -24.92
C ARG A 68 13.63 22.45 -25.55
N SER A 69 14.70 21.77 -25.16
CA SER A 69 16.03 22.10 -25.66
C SER A 69 16.56 21.13 -26.71
N ARG A 70 17.57 21.60 -27.42
CA ARG A 70 18.24 20.85 -28.45
C ARG A 70 18.70 19.49 -27.95
N ASP A 71 19.34 19.45 -26.79
CA ASP A 71 19.86 18.18 -26.28
C ASP A 71 18.87 17.23 -25.61
N GLY A 72 17.58 17.49 -25.80
CA GLY A 72 16.57 16.58 -25.26
C GLY A 72 15.90 16.88 -23.94
N PHE A 73 16.30 17.96 -23.26
CA PHE A 73 15.67 18.27 -21.99
C PHE A 73 14.40 19.09 -22.13
N GLU A 74 13.56 19.03 -21.10
CA GLU A 74 12.30 19.76 -21.12
C GLU A 74 11.97 20.32 -19.74
N GLY A 75 11.24 21.42 -19.72
CA GLY A 75 10.86 22.04 -18.47
C GLY A 75 9.43 22.54 -18.59
N VAL A 76 8.75 22.61 -17.45
CA VAL A 76 7.38 23.10 -17.41
C VAL A 76 7.26 23.99 -16.17
N GLY A 77 6.53 25.09 -16.31
CA GLY A 77 6.35 26.01 -15.20
C GLY A 77 5.06 26.76 -15.42
N PHE A 78 4.62 27.52 -14.41
CA PHE A 78 3.38 28.26 -14.54
C PHE A 78 3.22 29.40 -13.51
N SER A 79 2.30 30.29 -13.80
CA SER A 79 1.97 31.38 -12.90
C SER A 79 0.45 31.37 -12.93
N TYR A 80 -0.19 32.31 -12.24
CA TYR A 80 -1.63 32.29 -12.20
C TYR A 80 -2.14 33.65 -11.82
N SER A 81 -3.46 33.77 -11.87
CA SER A 81 -4.11 34.99 -11.48
C SER A 81 -5.50 34.67 -10.93
N LYS A 82 -5.81 35.22 -9.77
CA LYS A 82 -7.12 35.04 -9.16
C LYS A 82 -7.82 36.36 -9.48
N ARG A 83 -8.79 36.28 -10.37
CA ARG A 83 -9.55 37.42 -10.86
C ARG A 83 -8.77 38.02 -12.03
N ALA A 84 -9.08 39.25 -12.43
CA ALA A 84 -8.40 39.85 -13.58
C ALA A 84 -6.87 39.86 -13.54
N GLY A 85 -6.26 39.48 -14.66
CA GLY A 85 -4.81 39.46 -14.74
C GLY A 85 -4.29 38.35 -15.63
N GLY A 86 -5.05 37.27 -15.74
CA GLY A 86 -4.64 36.15 -16.56
C GLY A 86 -4.41 36.49 -18.01
N GLN A 87 -5.32 37.25 -18.61
CA GLN A 87 -5.19 37.62 -20.02
C GLN A 87 -3.92 38.43 -20.28
N GLY A 88 -3.62 39.36 -19.37
CA GLY A 88 -2.45 40.19 -19.53
C GLY A 88 -1.14 39.43 -19.37
N ILE A 89 -1.10 38.51 -18.42
CA ILE A 89 0.11 37.72 -18.20
C ILE A 89 0.41 36.87 -19.44
N TYR A 90 -0.60 36.19 -19.97
CA TYR A 90 -0.41 35.34 -21.15
C TYR A 90 0.02 36.18 -22.36
N ALA A 91 -0.70 37.28 -22.58
CA ALA A 91 -0.41 38.16 -23.70
C ALA A 91 1.03 38.68 -23.68
N HIS A 92 1.52 39.07 -22.51
CA HIS A 92 2.88 39.58 -22.44
C HIS A 92 3.86 38.43 -22.64
N ALA A 93 3.61 37.30 -22.01
CA ALA A 93 4.49 36.15 -22.15
C ALA A 93 4.62 35.81 -23.63
N LYS A 94 3.49 35.87 -24.33
CA LYS A 94 3.45 35.58 -25.76
C LYS A 94 4.26 36.58 -26.56
N GLU A 95 4.23 37.85 -26.14
CA GLU A 95 4.96 38.86 -26.87
C GLU A 95 6.47 38.78 -26.65
N ILE A 96 6.92 38.19 -25.54
CA ILE A 96 8.36 38.08 -25.30
C ILE A 96 8.98 36.68 -25.44
N ALA A 97 8.16 35.64 -25.49
CA ALA A 97 8.65 34.26 -25.60
C ALA A 97 9.71 33.96 -26.68
N ASP A 98 9.52 34.49 -27.88
CA ASP A 98 10.49 34.24 -28.96
C ASP A 98 11.93 34.56 -28.60
N ASN A 99 12.14 35.41 -27.59
CA ASN A 99 13.49 35.77 -27.15
C ASN A 99 14.22 34.58 -26.56
N LEU A 100 13.48 33.57 -26.15
CA LEU A 100 14.09 32.37 -25.56
C LEU A 100 14.81 31.49 -26.58
N LEU A 101 14.34 31.50 -27.83
CA LEU A 101 14.93 30.66 -28.86
C LEU A 101 16.43 30.87 -29.06
N GLY A 102 17.18 29.78 -29.00
CA GLY A 102 18.61 29.87 -29.19
C GLY A 102 19.43 30.22 -27.96
N GLU A 103 18.78 30.45 -26.81
CA GLU A 103 19.50 30.78 -25.57
C GLU A 103 19.92 29.50 -24.85
N ASP A 104 21.01 29.57 -24.10
CA ASP A 104 21.46 28.41 -23.31
C ASP A 104 20.53 28.44 -22.09
N PRO A 105 19.67 27.42 -21.95
CA PRO A 105 18.72 27.35 -20.84
C PRO A 105 19.30 27.34 -19.43
N ASN A 106 20.60 27.06 -19.30
CA ASN A 106 21.22 27.04 -17.98
C ASN A 106 21.52 28.45 -17.43
N ASP A 107 21.61 29.44 -18.31
CA ASP A 107 21.89 30.81 -17.90
C ASP A 107 20.56 31.51 -17.62
N ILE A 108 19.92 31.04 -16.55
CA ILE A 108 18.62 31.51 -16.11
C ILE A 108 18.52 33.00 -15.84
N ASP A 109 19.46 33.54 -15.08
CA ASP A 109 19.39 34.97 -14.79
C ASP A 109 19.72 35.81 -16.01
N LYS A 110 20.57 35.30 -16.88
CA LYS A 110 20.95 36.02 -18.09
C LYS A 110 19.70 36.13 -18.97
N ILE A 111 18.95 35.03 -19.07
CA ILE A 111 17.73 35.00 -19.87
C ILE A 111 16.70 35.94 -19.23
N TYR A 112 16.61 35.88 -17.91
CA TYR A 112 15.66 36.71 -17.18
C TYR A 112 15.89 38.17 -17.55
N THR A 113 17.15 38.58 -17.48
CA THR A 113 17.50 39.97 -17.79
C THR A 113 17.17 40.33 -19.24
N LYS A 114 17.34 39.38 -20.15
CA LYS A 114 17.03 39.61 -21.56
C LYS A 114 15.53 39.87 -21.71
N LEU A 115 14.73 39.06 -21.03
CA LEU A 115 13.29 39.19 -21.06
C LEU A 115 12.85 40.53 -20.46
N LEU A 116 13.53 40.96 -19.40
CA LEU A 116 13.19 42.24 -18.78
C LEU A 116 13.50 43.38 -19.76
N TRP A 117 14.65 43.31 -20.45
CA TRP A 117 15.00 44.35 -21.41
C TRP A 117 14.02 44.36 -22.60
N ALA A 118 13.57 43.18 -23.03
CA ALA A 118 12.64 43.09 -24.14
C ALA A 118 11.32 43.76 -23.80
N GLY A 119 11.02 43.86 -22.50
CA GLY A 119 9.79 44.51 -22.07
C GLY A 119 10.08 45.59 -21.05
N ALA A 120 11.17 46.31 -21.25
CA ALA A 120 11.59 47.34 -20.30
C ALA A 120 10.53 48.42 -20.03
N SER A 121 9.69 48.70 -21.02
CA SER A 121 8.68 49.72 -20.89
C SER A 121 7.61 49.40 -19.83
N VAL A 122 7.41 48.12 -19.53
CA VAL A 122 6.40 47.71 -18.56
C VAL A 122 6.90 47.36 -17.15
N GLY A 123 8.10 47.80 -16.81
CA GLY A 123 8.62 47.59 -15.47
C GLY A 123 9.35 46.33 -15.07
N ARG A 124 9.70 46.25 -13.78
CA ARG A 124 10.42 45.12 -13.23
C ARG A 124 9.67 44.54 -12.03
N SER A 125 8.35 44.71 -12.04
CA SER A 125 7.51 44.21 -10.97
C SER A 125 6.13 44.05 -11.57
N GLY A 126 5.23 43.43 -10.84
CA GLY A 126 3.88 43.29 -11.36
C GLY A 126 3.71 42.27 -12.46
N MET A 127 2.69 42.51 -13.28
CA MET A 127 2.30 41.62 -14.36
C MET A 127 3.41 41.21 -15.31
N ALA A 128 4.31 42.11 -15.66
CA ALA A 128 5.39 41.75 -16.57
C ALA A 128 6.29 40.63 -16.02
N VAL A 129 6.60 40.67 -14.72
CA VAL A 129 7.45 39.61 -14.18
C VAL A 129 6.64 38.34 -13.96
N GLN A 130 5.32 38.49 -13.80
CA GLN A 130 4.49 37.33 -13.61
C GLN A 130 4.37 36.57 -14.92
N ALA A 131 4.68 37.25 -16.02
CA ALA A 131 4.66 36.65 -17.34
C ALA A 131 5.98 35.93 -17.56
N ILE A 132 6.98 36.31 -16.78
CA ILE A 132 8.28 35.68 -16.86
C ILE A 132 8.33 34.46 -15.94
N SER A 133 7.57 34.52 -14.84
CA SER A 133 7.53 33.43 -13.87
C SER A 133 7.40 32.01 -14.48
N PRO A 134 6.40 31.80 -15.36
CA PRO A 134 6.26 30.46 -15.95
C PRO A 134 7.51 29.98 -16.67
N ILE A 135 8.16 30.91 -17.37
CA ILE A 135 9.39 30.63 -18.08
C ILE A 135 10.53 30.38 -17.08
N ASP A 136 10.68 31.28 -16.13
CA ASP A 136 11.73 31.15 -15.12
C ASP A 136 11.57 29.79 -14.40
N ILE A 137 10.35 29.49 -14.00
CA ILE A 137 10.07 28.23 -13.31
C ILE A 137 10.34 27.02 -14.21
N ALA A 138 10.00 27.11 -15.49
CA ALA A 138 10.25 25.99 -16.41
C ALA A 138 11.75 25.72 -16.56
N LEU A 139 12.56 26.77 -16.57
CA LEU A 139 14.00 26.61 -16.72
C LEU A 139 14.62 25.96 -15.49
N TRP A 140 14.12 26.29 -14.30
CA TRP A 140 14.65 25.66 -13.08
C TRP A 140 14.21 24.19 -13.09
N ASP A 141 12.99 23.95 -13.54
CA ASP A 141 12.46 22.58 -13.61
C ASP A 141 13.39 21.79 -14.53
N MET A 142 13.73 22.38 -15.68
CA MET A 142 14.61 21.73 -16.63
C MET A 142 16.02 21.47 -16.09
N LYS A 143 16.57 22.44 -15.36
CA LYS A 143 17.92 22.26 -14.82
C LYS A 143 17.97 21.13 -13.80
N ALA A 144 16.96 21.06 -12.93
CA ALA A 144 16.88 20.01 -11.92
C ALA A 144 16.80 18.66 -12.62
N LYS A 145 15.95 18.60 -13.65
CA LYS A 145 15.80 17.36 -14.41
C LYS A 145 17.13 16.99 -15.07
N ARG A 146 17.89 18.00 -15.51
CA ARG A 146 19.18 17.75 -16.13
C ARG A 146 20.14 17.11 -15.12
N ALA A 147 19.97 17.46 -13.84
CA ALA A 147 20.80 16.91 -12.77
C ALA A 147 20.24 15.60 -12.25
N GLY A 148 19.06 15.23 -12.75
CA GLY A 148 18.41 14.00 -12.29
C GLY A 148 17.99 14.16 -10.83
N LEU A 149 17.53 15.36 -10.50
CA LEU A 149 17.13 15.66 -9.13
C LEU A 149 15.82 16.39 -8.93
N PRO A 150 15.18 16.17 -7.78
CA PRO A 150 13.93 16.88 -7.51
C PRO A 150 14.43 18.34 -7.36
N LEU A 151 13.62 19.33 -7.69
CA LEU A 151 14.09 20.71 -7.57
C LEU A 151 14.69 21.02 -6.18
N ALA A 152 14.01 20.60 -5.12
CA ALA A 152 14.50 20.85 -3.75
C ALA A 152 15.94 20.40 -3.56
N LYS A 153 16.31 19.30 -4.20
CA LYS A 153 17.66 18.76 -4.09
C LYS A 153 18.66 19.55 -4.92
N LEU A 154 18.21 20.12 -6.04
CA LEU A 154 19.09 20.91 -6.87
C LEU A 154 19.44 22.17 -6.06
N LEU A 155 18.44 22.74 -5.39
CA LEU A 155 18.66 23.93 -4.57
C LEU A 155 19.43 23.57 -3.31
N GLY A 156 19.19 22.37 -2.80
CA GLY A 156 19.82 21.93 -1.57
C GLY A 156 18.73 22.01 -0.53
N ALA A 157 18.35 20.86 0.04
CA ALA A 157 17.30 20.84 1.03
C ALA A 157 17.80 20.76 2.46
N HIS A 158 16.96 21.25 3.37
CA HIS A 158 17.25 21.24 4.79
C HIS A 158 16.30 20.26 5.44
N ARG A 159 15.26 19.87 4.71
CA ARG A 159 14.28 18.93 5.21
C ARG A 159 13.68 18.15 4.05
N ASP A 160 13.20 16.94 4.31
CA ASP A 160 12.62 16.10 3.28
C ASP A 160 11.09 16.24 3.17
N SER A 161 10.51 17.04 4.06
CA SER A 161 9.08 17.28 4.07
C SER A 161 8.84 18.61 4.78
N VAL A 162 7.66 19.21 4.59
CA VAL A 162 7.38 20.49 5.21
C VAL A 162 5.98 20.57 5.87
N GLN A 163 5.93 21.14 7.08
CA GLN A 163 4.66 21.29 7.81
C GLN A 163 3.66 21.89 6.83
N CYS A 164 2.44 21.38 6.83
CA CYS A 164 1.42 21.86 5.91
C CYS A 164 0.10 22.19 6.59
N TYR A 165 -0.51 23.31 6.22
CA TYR A 165 -1.79 23.70 6.80
C TYR A 165 -2.81 23.92 5.68
N ASN A 166 -4.08 23.70 5.95
CA ASN A 166 -5.11 23.90 4.94
C ASN A 166 -5.83 25.23 5.03
N THR A 167 -6.13 25.81 3.87
CA THR A 167 -6.84 27.09 3.81
C THR A 167 -8.20 26.98 3.11
N SER A 168 -8.29 26.09 2.12
CA SER A 168 -9.52 25.95 1.34
C SER A 168 -10.76 25.57 2.14
N GLY A 169 -10.57 25.04 3.34
CA GLY A 169 -11.73 24.66 4.12
C GLY A 169 -12.21 25.69 5.13
N GLY A 170 -11.57 26.85 5.18
CA GLY A 170 -11.96 27.85 6.16
C GLY A 170 -12.38 29.22 5.65
N PHE A 171 -12.86 29.29 4.42
CA PHE A 171 -13.28 30.56 3.83
C PHE A 171 -14.61 31.09 4.38
N LEU A 172 -14.81 32.40 4.24
CA LEU A 172 -15.99 33.08 4.76
C LEU A 172 -17.36 32.80 4.13
N HIS A 173 -17.40 32.11 3.00
CA HIS A 173 -18.69 31.78 2.39
C HIS A 173 -19.19 30.47 3.03
N THR A 174 -18.31 29.82 3.78
CA THR A 174 -18.62 28.56 4.45
C THR A 174 -19.25 28.72 5.84
N PRO A 175 -20.45 28.14 6.06
CA PRO A 175 -21.12 28.22 7.36
C PRO A 175 -20.26 27.56 8.43
N LEU A 176 -20.29 28.09 9.65
CA LEU A 176 -19.47 27.52 10.72
C LEU A 176 -19.61 26.01 10.80
N ASP A 177 -20.86 25.53 10.76
CA ASP A 177 -21.12 24.11 10.83
C ASP A 177 -20.22 23.32 9.88
N GLN A 178 -20.18 23.74 8.62
CA GLN A 178 -19.36 23.09 7.61
C GLN A 178 -17.87 23.27 7.87
N VAL A 179 -17.47 24.43 8.40
CA VAL A 179 -16.07 24.67 8.70
C VAL A 179 -15.58 23.66 9.74
N LEU A 180 -16.42 23.39 10.74
CA LEU A 180 -16.06 22.43 11.78
C LEU A 180 -15.95 21.03 11.17
N LYS A 181 -16.82 20.73 10.21
CA LYS A 181 -16.76 19.44 9.52
C LYS A 181 -15.46 19.38 8.69
N ASN A 182 -15.13 20.48 8.02
CA ASN A 182 -13.93 20.54 7.19
C ASN A 182 -12.67 20.32 8.02
N VAL A 183 -12.65 20.89 9.22
CA VAL A 183 -11.51 20.74 10.11
C VAL A 183 -11.26 19.25 10.41
N VAL A 184 -12.34 18.50 10.59
CA VAL A 184 -12.20 17.08 10.87
C VAL A 184 -11.69 16.35 9.63
N ILE A 185 -12.27 16.66 8.48
CA ILE A 185 -11.84 16.04 7.24
C ILE A 185 -10.33 16.28 7.05
N SER A 186 -9.91 17.54 7.19
CA SER A 186 -8.50 17.88 7.02
C SER A 186 -7.60 17.18 8.04
N ARG A 187 -8.01 17.21 9.30
CA ARG A 187 -7.22 16.58 10.35
C ARG A 187 -7.07 15.07 10.12
N GLU A 188 -8.17 14.41 9.75
CA GLU A 188 -8.13 12.98 9.52
C GLU A 188 -7.30 12.63 8.29
N ASN A 189 -7.12 13.60 7.39
CA ASN A 189 -6.33 13.37 6.19
C ASN A 189 -4.85 13.74 6.39
N GLY A 190 -4.49 14.00 7.64
CA GLY A 190 -3.10 14.32 7.97
C GLY A 190 -2.62 15.75 7.87
N ILE A 191 -3.53 16.73 7.91
CA ILE A 191 -3.11 18.12 7.80
C ILE A 191 -2.34 18.51 9.05
N GLY A 192 -1.42 19.46 8.91
CA GLY A 192 -0.63 19.89 10.05
C GLY A 192 -1.14 21.17 10.71
N GLY A 193 -2.15 21.79 10.11
CA GLY A 193 -2.69 23.02 10.66
C GLY A 193 -3.91 23.50 9.91
N ILE A 194 -4.59 24.49 10.47
CA ILE A 194 -5.81 25.04 9.89
C ILE A 194 -5.75 26.58 9.87
N LYS A 195 -6.11 27.19 8.75
CA LYS A 195 -6.14 28.64 8.68
C LYS A 195 -7.59 29.05 8.43
N LEU A 196 -8.06 30.03 9.20
CA LEU A 196 -9.43 30.50 9.10
C LEU A 196 -9.46 31.92 8.57
N ALA A 197 -10.33 32.17 7.59
CA ALA A 197 -10.46 33.50 7.03
C ALA A 197 -11.26 34.37 7.98
N VAL A 198 -10.74 35.54 8.30
CA VAL A 198 -11.44 36.49 9.18
C VAL A 198 -11.41 37.85 8.49
N GLY A 199 -11.88 38.88 9.18
CA GLY A 199 -11.85 40.20 8.58
C GLY A 199 -13.20 40.67 8.06
N GLN A 200 -14.26 39.93 8.36
CA GLN A 200 -15.57 40.35 7.91
C GLN A 200 -16.03 41.50 8.81
N PRO A 201 -16.94 42.35 8.30
CA PRO A 201 -17.44 43.50 9.06
C PRO A 201 -17.88 43.11 10.49
N ASN A 202 -18.58 41.99 10.62
CA ASN A 202 -19.03 41.53 11.93
C ASN A 202 -17.88 40.87 12.70
N CYS A 203 -17.12 41.67 13.44
CA CYS A 203 -15.99 41.14 14.20
C CYS A 203 -16.38 40.06 15.20
N ALA A 204 -17.48 40.30 15.92
CA ALA A 204 -17.96 39.34 16.90
C ALA A 204 -18.20 37.97 16.27
N GLU A 205 -18.62 37.95 15.01
CA GLU A 205 -18.88 36.69 14.34
C GLU A 205 -17.57 35.95 14.03
N ASP A 206 -16.51 36.68 13.75
CA ASP A 206 -15.23 36.03 13.48
C ASP A 206 -14.72 35.43 14.80
N ILE A 207 -14.90 36.14 15.90
CA ILE A 207 -14.45 35.63 17.18
C ILE A 207 -15.21 34.37 17.53
N ARG A 208 -16.49 34.34 17.14
CA ARG A 208 -17.33 33.19 17.40
C ARG A 208 -16.81 32.00 16.61
N ARG A 209 -16.57 32.22 15.32
CA ARG A 209 -16.06 31.17 14.45
C ARG A 209 -14.72 30.68 14.92
N LEU A 210 -13.83 31.61 15.27
CA LEU A 210 -12.50 31.26 15.72
C LEU A 210 -12.52 30.46 17.01
N THR A 211 -13.34 30.88 17.96
CA THR A 211 -13.45 30.19 19.24
C THR A 211 -13.96 28.75 19.03
N ALA A 212 -14.96 28.63 18.16
CA ALA A 212 -15.53 27.32 17.85
C ALA A 212 -14.47 26.37 17.28
N VAL A 213 -13.69 26.88 16.33
CA VAL A 213 -12.65 26.07 15.70
C VAL A 213 -11.58 25.65 16.69
N ARG A 214 -11.12 26.58 17.53
CA ARG A 214 -10.10 26.24 18.51
C ARG A 214 -10.61 25.18 19.45
N GLU A 215 -11.87 25.32 19.86
CA GLU A 215 -12.49 24.38 20.78
C GLU A 215 -12.53 23.00 20.13
N ALA A 216 -12.90 22.95 18.86
CA ALA A 216 -12.99 21.68 18.13
C ALA A 216 -11.64 21.03 17.92
N LEU A 217 -10.59 21.83 17.82
CA LEU A 217 -9.25 21.31 17.59
C LEU A 217 -8.45 20.98 18.84
N GLY A 218 -8.75 21.66 19.94
CA GLY A 218 -7.99 21.42 21.15
C GLY A 218 -6.94 22.49 21.22
N ASP A 219 -6.27 22.62 22.36
CA ASP A 219 -5.28 23.66 22.55
C ASP A 219 -3.98 23.57 21.76
N GLU A 220 -3.54 22.37 21.43
CA GLU A 220 -2.28 22.16 20.72
C GLU A 220 -2.27 22.37 19.20
N PHE A 221 -3.32 21.97 18.52
CA PHE A 221 -3.34 22.06 17.07
C PHE A 221 -3.05 23.43 16.46
N PRO A 222 -2.10 23.48 15.52
CA PRO A 222 -1.71 24.71 14.83
C PRO A 222 -2.90 25.36 14.13
N LEU A 223 -3.16 26.60 14.51
CA LEU A 223 -4.27 27.36 13.95
C LEU A 223 -3.78 28.78 13.64
N MET A 224 -4.22 29.32 12.51
CA MET A 224 -3.84 30.66 12.13
C MET A 224 -5.04 31.35 11.47
N VAL A 225 -4.99 32.67 11.36
CA VAL A 225 -6.10 33.40 10.73
C VAL A 225 -5.57 34.35 9.67
N ASP A 226 -6.46 34.74 8.75
CA ASP A 226 -6.12 35.60 7.64
C ASP A 226 -7.21 36.66 7.43
N ALA A 227 -6.88 37.93 7.64
CA ALA A 227 -7.85 39.00 7.50
C ALA A 227 -7.91 39.61 6.11
N ASN A 228 -7.05 39.13 5.22
CA ASN A 228 -6.97 39.63 3.85
C ASN A 228 -7.05 41.16 3.68
N GLN A 229 -6.26 41.87 4.48
CA GLN A 229 -6.16 43.33 4.46
C GLN A 229 -7.40 44.09 4.88
N GLN A 230 -8.38 43.39 5.43
CA GLN A 230 -9.63 44.09 5.72
C GLN A 230 -9.86 44.83 7.03
N TRP A 231 -8.85 44.90 7.89
CA TRP A 231 -9.03 45.65 9.15
C TRP A 231 -8.28 46.97 9.04
N ASP A 232 -8.71 47.97 9.79
CA ASP A 232 -7.95 49.21 9.81
C ASP A 232 -7.05 49.00 11.02
N ARG A 233 -6.11 49.91 11.24
CA ARG A 233 -5.20 49.76 12.37
C ARG A 233 -5.92 49.67 13.71
N GLU A 234 -6.99 50.46 13.88
CA GLU A 234 -7.73 50.43 15.14
C GLU A 234 -8.30 49.05 15.43
N THR A 235 -8.96 48.48 14.43
CA THR A 235 -9.59 47.17 14.55
C THR A 235 -8.58 46.03 14.70
N ALA A 236 -7.49 46.13 13.95
CA ALA A 236 -6.44 45.10 13.97
C ALA A 236 -5.86 44.88 15.35
N ILE A 237 -5.48 45.95 16.04
CA ILE A 237 -4.90 45.83 17.37
C ILE A 237 -5.92 45.29 18.35
N ARG A 238 -7.17 45.71 18.18
CA ARG A 238 -8.25 45.25 19.03
C ARG A 238 -8.44 43.74 18.85
N MET A 239 -8.64 43.30 17.61
CA MET A 239 -8.80 41.88 17.33
C MET A 239 -7.53 41.13 17.76
N GLY A 240 -6.37 41.73 17.48
CA GLY A 240 -5.12 41.10 17.85
C GLY A 240 -5.09 40.77 19.33
N ARG A 241 -5.40 41.76 20.17
CA ARG A 241 -5.41 41.57 21.62
C ARG A 241 -6.32 40.42 22.03
N LYS A 242 -7.52 40.39 21.46
CA LYS A 242 -8.50 39.37 21.76
C LYS A 242 -8.13 37.97 21.27
N MET A 243 -7.27 37.87 20.26
CA MET A 243 -6.87 36.56 19.74
C MET A 243 -5.61 35.97 20.39
N GLU A 244 -4.93 36.76 21.21
CA GLU A 244 -3.70 36.29 21.86
C GLU A 244 -4.01 34.99 22.61
N GLN A 245 -5.19 34.93 23.21
CA GLN A 245 -5.60 33.76 23.98
C GLN A 245 -5.61 32.47 23.16
N PHE A 246 -5.89 32.57 21.87
CA PHE A 246 -5.95 31.38 21.03
C PHE A 246 -4.60 30.80 20.61
N ASN A 247 -3.51 31.45 20.99
CA ASN A 247 -2.17 30.98 20.65
C ASN A 247 -2.04 30.59 19.17
N LEU A 248 -2.38 31.54 18.30
CA LEU A 248 -2.31 31.30 16.86
C LEU A 248 -0.89 31.25 16.35
N ILE A 249 -0.65 30.48 15.27
CA ILE A 249 0.68 30.42 14.69
C ILE A 249 0.96 31.81 14.10
N TRP A 250 -0.08 32.45 13.58
CA TRP A 250 0.06 33.81 13.04
C TRP A 250 -1.27 34.45 12.67
N ILE A 251 -1.22 35.77 12.51
CA ILE A 251 -2.36 36.56 12.06
C ILE A 251 -1.84 37.08 10.73
N GLU A 252 -2.56 36.79 9.67
CA GLU A 252 -2.14 37.15 8.32
C GLU A 252 -2.85 38.34 7.68
N GLU A 253 -2.08 39.16 6.97
CA GLU A 253 -2.61 40.35 6.32
C GLU A 253 -3.67 41.11 7.12
N PRO A 254 -3.31 41.53 8.34
CA PRO A 254 -4.29 42.26 9.14
C PRO A 254 -4.64 43.62 8.51
N LEU A 255 -3.69 44.17 7.76
CA LEU A 255 -3.88 45.48 7.13
C LEU A 255 -3.50 45.47 5.66
N ASP A 256 -3.64 46.63 5.03
CA ASP A 256 -3.28 46.79 3.62
C ASP A 256 -1.87 46.29 3.44
N ALA A 257 -1.67 45.49 2.39
CA ALA A 257 -0.37 44.89 2.07
C ALA A 257 0.80 45.87 2.03
N TYR A 258 0.52 47.15 1.79
CA TYR A 258 1.58 48.14 1.74
C TYR A 258 1.67 49.02 2.98
N ASP A 259 0.89 48.70 4.02
CA ASP A 259 0.96 49.48 5.25
C ASP A 259 2.10 48.89 6.06
N ILE A 260 3.32 49.23 5.67
CA ILE A 260 4.52 48.73 6.34
C ILE A 260 4.58 49.10 7.82
N GLU A 261 4.49 50.40 8.12
CA GLU A 261 4.54 50.83 9.51
C GLU A 261 3.39 50.24 10.32
N GLY A 262 2.22 50.12 9.71
CA GLY A 262 1.09 49.55 10.41
C GLY A 262 1.39 48.12 10.84
N HIS A 263 1.90 47.33 9.90
CA HIS A 263 2.23 45.93 10.19
C HIS A 263 3.33 45.86 11.25
N ALA A 264 4.36 46.69 11.11
CA ALA A 264 5.46 46.70 12.05
C ALA A 264 4.95 46.97 13.45
N GLN A 265 4.01 47.91 13.54
CA GLN A 265 3.42 48.29 14.82
C GLN A 265 2.71 47.08 15.44
N LEU A 266 1.87 46.41 14.66
CA LEU A 266 1.15 45.25 15.16
C LEU A 266 2.14 44.17 15.59
N ALA A 267 3.14 43.94 14.75
CA ALA A 267 4.16 42.93 15.04
C ALA A 267 4.86 43.19 16.36
N ALA A 268 5.19 44.45 16.62
CA ALA A 268 5.88 44.82 17.86
C ALA A 268 4.96 44.81 19.08
N ALA A 269 3.67 45.03 18.88
CA ALA A 269 2.74 45.08 20.00
C ALA A 269 2.16 43.74 20.45
N LEU A 270 2.14 42.75 19.57
CA LEU A 270 1.55 41.46 19.94
C LEU A 270 2.59 40.35 20.01
N ASP A 271 2.35 39.36 20.88
CA ASP A 271 3.26 38.23 20.97
C ASP A 271 2.93 37.32 19.78
N THR A 272 1.68 37.33 19.33
CA THR A 272 1.29 36.51 18.18
C THR A 272 2.04 36.99 16.94
N PRO A 273 2.58 36.05 16.15
CA PRO A 273 3.31 36.44 14.96
C PRO A 273 2.39 37.07 13.92
N ILE A 274 2.95 38.01 13.15
CA ILE A 274 2.20 38.66 12.09
C ILE A 274 2.80 38.13 10.79
N ALA A 275 1.94 37.82 9.82
CA ALA A 275 2.40 37.30 8.53
C ALA A 275 1.83 38.15 7.40
N THR A 276 2.61 38.37 6.34
CA THR A 276 2.11 39.14 5.21
C THR A 276 3.02 39.02 4.00
N GLY A 277 2.54 39.43 2.83
CA GLY A 277 3.38 39.40 1.64
C GLY A 277 2.88 38.76 0.36
N GLU A 278 1.81 37.96 0.44
CA GLU A 278 1.31 37.27 -0.74
C GLU A 278 0.95 38.20 -1.92
N MET A 279 0.56 39.43 -1.62
CA MET A 279 0.17 40.36 -2.67
C MET A 279 1.32 41.10 -3.35
N LEU A 280 2.52 41.05 -2.77
CA LEU A 280 3.66 41.75 -3.34
C LEU A 280 4.12 41.10 -4.65
N THR A 281 4.51 41.93 -5.61
CA THR A 281 4.92 41.43 -6.92
C THR A 281 6.35 41.66 -7.35
N SER A 282 7.29 41.56 -6.42
CA SER A 282 8.70 41.74 -6.76
C SER A 282 9.59 41.63 -5.55
N PHE A 283 10.86 41.38 -5.78
CA PHE A 283 11.83 41.34 -4.71
C PHE A 283 11.81 42.71 -4.02
N ARG A 284 11.82 43.79 -4.82
CA ARG A 284 11.83 45.16 -4.30
C ARG A 284 10.74 45.43 -3.27
N GLU A 285 9.52 45.04 -3.57
CA GLU A 285 8.41 45.25 -2.66
C GLU A 285 8.62 44.48 -1.35
N HIS A 286 9.03 43.21 -1.46
CA HIS A 286 9.27 42.43 -0.25
C HIS A 286 10.39 43.04 0.59
N GLU A 287 11.41 43.57 -0.09
CA GLU A 287 12.53 44.17 0.61
C GLU A 287 12.07 45.36 1.45
N GLN A 288 11.15 46.13 0.89
CA GLN A 288 10.63 47.28 1.61
C GLN A 288 9.93 46.85 2.89
N LEU A 289 9.16 45.78 2.82
CA LEU A 289 8.46 45.31 4.01
C LEU A 289 9.41 44.68 5.03
N ILE A 290 10.40 43.93 4.56
CA ILE A 290 11.35 43.29 5.47
C ILE A 290 12.23 44.35 6.16
N LEU A 291 12.76 45.30 5.40
CA LEU A 291 13.58 46.33 6.03
C LEU A 291 12.72 47.13 7.01
N GLY A 292 11.41 47.16 6.75
CA GLY A 292 10.51 47.88 7.62
C GLY A 292 10.01 47.07 8.81
N ASN A 293 10.51 45.84 8.95
CA ASN A 293 10.11 44.98 10.06
C ASN A 293 8.61 44.77 10.16
N ALA A 294 7.96 44.67 9.01
CA ALA A 294 6.52 44.49 8.95
C ALA A 294 6.00 43.17 9.51
N SER A 295 6.71 42.07 9.30
CA SER A 295 6.20 40.79 9.78
C SER A 295 7.21 39.76 10.28
N ASP A 296 6.70 38.82 11.06
CA ASP A 296 7.52 37.74 11.63
C ASP A 296 7.60 36.60 10.61
N PHE A 297 6.55 36.47 9.79
CA PHE A 297 6.50 35.45 8.74
C PHE A 297 6.44 36.19 7.40
N VAL A 298 7.31 35.81 6.47
CA VAL A 298 7.31 36.41 5.13
C VAL A 298 6.59 35.43 4.22
N GLN A 299 5.62 35.93 3.45
CA GLN A 299 4.86 35.07 2.58
C GLN A 299 4.93 35.41 1.11
N PRO A 300 6.08 35.14 0.48
CA PRO A 300 6.21 35.45 -0.94
C PRO A 300 5.48 34.38 -1.74
N ASP A 301 5.19 34.70 -2.99
CA ASP A 301 4.47 33.83 -3.91
C ASP A 301 5.37 33.82 -5.16
N ALA A 302 6.01 32.68 -5.45
CA ALA A 302 6.91 32.62 -6.60
C ALA A 302 6.29 33.15 -7.88
N PRO A 303 5.12 32.62 -8.27
CA PRO A 303 4.51 33.12 -9.51
C PRO A 303 4.33 34.63 -9.47
N ARG A 304 3.91 35.16 -8.33
CA ARG A 304 3.66 36.59 -8.22
C ARG A 304 4.85 37.51 -8.21
N VAL A 305 5.98 37.05 -7.67
CA VAL A 305 7.16 37.90 -7.60
C VAL A 305 8.09 37.78 -8.79
N GLY A 306 7.74 36.95 -9.76
CA GLY A 306 8.60 36.83 -10.92
C GLY A 306 9.21 35.46 -11.14
N GLY A 307 8.92 34.51 -10.25
CA GLY A 307 9.46 33.18 -10.43
C GLY A 307 10.35 32.70 -9.30
N ILE A 308 11.04 31.59 -9.54
CA ILE A 308 11.94 31.03 -8.55
C ILE A 308 13.16 31.93 -8.33
N SER A 309 13.76 32.42 -9.41
CA SER A 309 14.94 33.27 -9.28
C SER A 309 14.76 34.42 -8.27
N PRO A 310 13.72 35.26 -8.45
CA PRO A 310 13.59 36.33 -7.45
C PRO A 310 13.17 35.81 -6.08
N PHE A 311 12.45 34.69 -6.05
CA PHE A 311 11.98 34.10 -4.79
C PHE A 311 13.18 33.69 -3.93
N LEU A 312 14.23 33.17 -4.57
CA LEU A 312 15.42 32.75 -3.85
C LEU A 312 16.06 33.94 -3.14
N LYS A 313 16.07 35.09 -3.82
CA LYS A 313 16.64 36.31 -3.25
C LYS A 313 15.81 36.78 -2.06
N ILE A 314 14.48 36.69 -2.17
CA ILE A 314 13.61 37.11 -1.07
C ILE A 314 13.85 36.18 0.12
N MET A 315 14.02 34.89 -0.15
CA MET A 315 14.28 33.93 0.92
C MET A 315 15.55 34.31 1.69
N ASP A 316 16.62 34.60 0.96
CA ASP A 316 17.88 34.94 1.60
C ASP A 316 17.77 36.22 2.42
N LEU A 317 17.03 37.21 1.93
CA LEU A 317 16.87 38.44 2.69
C LEU A 317 16.11 38.14 3.98
N ALA A 318 14.97 37.47 3.85
CA ALA A 318 14.17 37.10 5.00
C ALA A 318 14.99 36.33 6.04
N ALA A 319 15.79 35.38 5.58
CA ALA A 319 16.62 34.58 6.47
C ALA A 319 17.60 35.48 7.23
N LYS A 320 18.23 36.41 6.52
CA LYS A 320 19.17 37.32 7.14
C LYS A 320 18.49 38.13 8.26
N HIS A 321 17.20 38.38 8.10
CA HIS A 321 16.46 39.13 9.12
C HIS A 321 15.81 38.22 10.13
N GLY A 322 16.19 36.95 10.10
CA GLY A 322 15.66 35.98 11.04
C GLY A 322 14.16 35.75 10.99
N ARG A 323 13.56 35.95 9.83
CA ARG A 323 12.11 35.75 9.69
C ARG A 323 11.80 34.32 9.23
N LYS A 324 10.58 33.89 9.51
CA LYS A 324 10.13 32.58 9.08
C LYS A 324 9.47 32.69 7.70
N LEU A 325 9.39 31.58 6.99
CA LEU A 325 8.82 31.55 5.65
C LEU A 325 7.55 30.75 5.57
N ALA A 326 6.52 31.33 4.95
CA ALA A 326 5.25 30.64 4.74
C ALA A 326 4.75 31.09 3.37
N PRO A 327 5.23 30.43 2.30
CA PRO A 327 4.85 30.75 0.90
C PRO A 327 3.35 30.68 0.68
N HIS A 328 2.85 31.53 -0.21
CA HIS A 328 1.43 31.56 -0.51
C HIS A 328 1.01 30.76 -1.73
N PHE A 329 0.05 29.87 -1.55
CA PHE A 329 -0.51 29.09 -2.67
C PHE A 329 0.56 28.21 -3.35
N ALA A 330 0.30 27.88 -4.62
CA ALA A 330 1.19 27.07 -5.46
C ALA A 330 2.12 26.10 -4.74
N MET A 331 1.56 25.21 -3.91
CA MET A 331 2.40 24.26 -3.19
C MET A 331 3.27 23.42 -4.12
N GLU A 332 2.79 23.20 -5.34
CA GLU A 332 3.57 22.41 -6.31
C GLU A 332 4.97 22.99 -6.48
N VAL A 333 5.10 24.31 -6.39
CA VAL A 333 6.39 24.98 -6.53
C VAL A 333 7.02 25.27 -5.17
N HIS A 334 6.23 25.83 -4.26
CA HIS A 334 6.71 26.20 -2.94
C HIS A 334 7.19 25.08 -2.03
N LEU A 335 6.73 23.85 -2.27
CA LEU A 335 7.18 22.72 -1.47
C LEU A 335 8.70 22.61 -1.58
N HIS A 336 9.20 22.76 -2.81
CA HIS A 336 10.63 22.67 -3.08
C HIS A 336 11.40 23.85 -2.51
N LEU A 337 10.82 25.05 -2.64
CA LEU A 337 11.47 26.26 -2.13
C LEU A 337 11.52 26.26 -0.61
N SER A 338 10.41 25.89 0.03
CA SER A 338 10.33 25.82 1.49
C SER A 338 11.30 24.78 2.03
N ALA A 339 11.45 23.67 1.31
CA ALA A 339 12.35 22.61 1.73
C ALA A 339 13.77 23.15 1.79
N ALA A 340 14.05 24.16 0.97
CA ALA A 340 15.38 24.74 0.93
C ALA A 340 15.60 25.88 1.92
N TYR A 341 14.55 26.30 2.62
CA TYR A 341 14.71 27.39 3.58
C TYR A 341 15.38 26.93 4.88
N PRO A 342 16.29 27.75 5.44
CA PRO A 342 17.04 27.49 6.68
C PRO A 342 16.19 27.26 7.92
N LEU A 343 15.18 28.10 8.15
CA LEU A 343 14.31 27.98 9.31
C LEU A 343 13.07 27.16 8.96
N GLU A 344 12.46 26.53 9.96
CA GLU A 344 11.29 25.68 9.75
C GLU A 344 10.15 26.48 9.09
N PRO A 345 9.78 26.14 7.85
CA PRO A 345 8.70 26.83 7.14
C PRO A 345 7.33 26.18 7.24
N TRP A 346 6.36 26.78 6.57
CA TRP A 346 4.99 26.27 6.52
C TRP A 346 4.57 26.28 5.06
N LEU A 347 3.84 25.25 4.64
CA LEU A 347 3.37 25.18 3.27
C LEU A 347 1.84 25.28 3.29
N GLU A 348 1.28 26.06 2.37
CA GLU A 348 -0.16 26.24 2.30
C GLU A 348 -0.84 25.27 1.34
N HIS A 349 -1.90 24.63 1.81
CA HIS A 349 -2.61 23.65 0.99
C HIS A 349 -3.99 24.06 0.46
N PHE A 350 -4.18 23.82 -0.82
CA PHE A 350 -5.44 24.02 -1.54
C PHE A 350 -5.43 22.77 -2.41
N GLU A 351 -6.60 22.24 -2.76
CA GLU A 351 -6.64 21.07 -3.63
C GLU A 351 -7.00 21.57 -5.03
N TRP A 352 -7.18 22.89 -5.14
CA TRP A 352 -7.57 23.53 -6.41
C TRP A 352 -6.78 23.14 -7.67
N LEU A 353 -5.46 23.07 -7.56
CA LEU A 353 -4.62 22.76 -8.71
C LEU A 353 -4.38 21.27 -8.97
N ASN A 354 -4.78 20.41 -8.05
CA ASN A 354 -4.57 18.97 -8.20
C ASN A 354 -4.89 18.39 -9.58
N PRO A 355 -6.05 18.76 -10.14
CA PRO A 355 -6.43 18.23 -11.46
C PRO A 355 -5.58 18.67 -12.66
N LEU A 356 -4.69 19.63 -12.47
CA LEU A 356 -3.83 20.08 -13.55
C LEU A 356 -2.69 19.12 -13.82
N PHE A 357 -2.38 18.30 -12.82
CA PHE A 357 -1.27 17.37 -12.94
C PHE A 357 -1.70 15.92 -12.78
N ASN A 358 -0.86 15.03 -13.27
CA ASN A 358 -1.14 13.61 -13.17
C ASN A 358 -0.68 13.05 -11.83
N GLU A 359 0.33 13.70 -11.24
CA GLU A 359 0.87 13.25 -9.96
C GLU A 359 0.34 14.06 -8.79
N GLN A 360 0.18 13.41 -7.64
CA GLN A 360 -0.30 14.08 -6.46
C GLN A 360 0.77 14.03 -5.36
N LEU A 361 0.80 15.06 -4.54
CA LEU A 361 1.77 15.14 -3.44
C LEU A 361 1.28 14.31 -2.27
N GLU A 362 2.20 13.72 -1.52
CA GLU A 362 1.83 12.91 -0.36
C GLU A 362 1.71 13.78 0.90
N LEU A 363 0.50 13.83 1.46
CA LEU A 363 0.28 14.58 2.69
C LEU A 363 0.13 13.57 3.82
N ARG A 364 1.06 13.56 4.76
CA ARG A 364 0.98 12.61 5.85
C ARG A 364 1.61 13.11 7.13
N ASP A 365 0.99 12.76 8.24
CA ASP A 365 1.50 13.13 9.57
C ASP A 365 1.76 14.64 9.68
N GLY A 366 0.86 15.44 9.12
CA GLY A 366 0.99 16.89 9.19
C GLY A 366 1.98 17.56 8.25
N ARG A 367 2.62 16.78 7.39
CA ARG A 367 3.62 17.31 6.49
C ARG A 367 3.44 16.86 5.05
N MET A 368 3.95 17.66 4.11
CA MET A 368 3.87 17.32 2.71
C MET A 368 5.26 16.79 2.37
N TRP A 369 5.32 15.61 1.76
CA TRP A 369 6.61 15.02 1.43
C TRP A 369 7.08 15.30 0.02
N ILE A 370 8.38 15.48 -0.13
CA ILE A 370 8.98 15.74 -1.43
C ILE A 370 9.20 14.40 -2.12
N SER A 371 8.62 14.22 -3.30
CA SER A 371 8.76 12.96 -4.01
C SER A 371 10.15 12.88 -4.62
N ASP A 372 10.50 11.72 -5.16
CA ASP A 372 11.81 11.57 -5.77
C ASP A 372 11.76 11.91 -7.25
N ARG A 373 10.60 12.32 -7.73
CA ARG A 373 10.46 12.70 -9.13
C ARG A 373 11.32 13.93 -9.38
N HIS A 374 11.88 14.02 -10.58
CA HIS A 374 12.77 15.12 -10.95
C HIS A 374 12.14 16.48 -11.21
N GLY A 375 12.92 17.52 -10.92
CA GLY A 375 12.42 18.88 -11.10
C GLY A 375 11.26 19.12 -10.18
N LEU A 376 10.21 19.76 -10.68
CA LEU A 376 9.02 20.04 -9.90
C LEU A 376 8.32 18.73 -9.60
N GLY A 377 8.49 17.74 -10.48
CA GLY A 377 7.86 16.45 -10.29
C GLY A 377 6.42 16.35 -10.76
N PHE A 378 6.04 17.19 -11.72
CA PHE A 378 4.67 17.16 -12.23
C PHE A 378 4.64 17.19 -13.74
N THR A 379 3.64 16.54 -14.32
CA THR A 379 3.44 16.52 -15.76
C THR A 379 1.99 16.99 -15.94
N LEU A 380 1.72 17.73 -17.00
CA LEU A 380 0.37 18.24 -17.24
C LEU A 380 -0.65 17.15 -17.55
N SER A 381 -1.82 17.27 -16.94
CA SER A 381 -2.90 16.31 -17.14
C SER A 381 -3.66 16.65 -18.41
N GLU A 382 -4.49 15.72 -18.85
CA GLU A 382 -5.31 15.91 -20.04
C GLU A 382 -6.36 16.97 -19.70
N GLN A 383 -6.73 17.03 -18.42
CA GLN A 383 -7.72 18.01 -17.98
C GLN A 383 -7.15 19.41 -18.16
N ALA A 384 -5.84 19.53 -17.94
CA ALA A 384 -5.18 20.82 -18.09
C ALA A 384 -5.29 21.26 -19.56
N ARG A 385 -5.22 20.29 -20.48
CA ARG A 385 -5.34 20.62 -21.89
C ARG A 385 -6.78 21.02 -22.20
N ARG A 386 -7.73 20.29 -21.62
CA ARG A 386 -9.14 20.59 -21.83
C ARG A 386 -9.52 21.97 -21.31
N TRP A 387 -8.89 22.40 -20.23
CA TRP A 387 -9.20 23.71 -19.66
C TRP A 387 -8.44 24.84 -20.31
N THR A 388 -7.57 24.51 -21.27
CA THR A 388 -6.78 25.50 -21.96
C THR A 388 -7.65 26.27 -22.95
N GLN A 389 -7.57 27.61 -22.91
CA GLN A 389 -8.35 28.44 -23.81
C GLN A 389 -7.53 29.08 -24.92
N LEU A 390 -6.26 29.37 -24.65
CA LEU A 390 -5.37 29.98 -25.63
C LEU A 390 -4.02 29.29 -25.56
N THR A 391 -3.34 29.19 -26.69
CA THR A 391 -2.03 28.55 -26.70
C THR A 391 -1.27 29.07 -27.89
N CYS A 392 0.06 29.00 -27.84
CA CYS A 392 0.90 29.44 -28.95
C CYS A 392 2.26 28.77 -28.81
N GLU A 393 2.97 28.66 -29.93
CA GLU A 393 4.27 28.00 -29.94
C GLU A 393 5.34 28.78 -30.68
N PHE A 394 6.59 28.54 -30.32
CA PHE A 394 7.72 29.20 -30.95
C PHE A 394 8.79 28.14 -31.22
N GLY A 395 9.48 28.27 -32.35
CA GLY A 395 10.51 27.32 -32.71
C GLY A 395 9.90 26.01 -33.17
N LYS A 396 10.66 24.92 -33.09
CA LYS A 396 10.10 23.63 -33.49
C LYS A 396 10.61 22.54 -32.56
N ARG A 397 9.70 21.64 -32.18
CA ARG A 397 10.04 20.54 -31.29
C ARG A 397 11.29 19.83 -31.78
N PRO A 398 12.29 19.67 -30.90
CA PRO A 398 13.52 18.98 -31.32
C PRO A 398 13.29 17.48 -31.51
N SER B 4 -29.90 10.09 11.67
CA SER B 4 -30.27 8.68 11.40
C SER B 4 -29.50 8.10 10.21
N ALA B 5 -29.08 6.85 10.32
CA ALA B 5 -28.33 6.18 9.27
C ALA B 5 -29.21 5.48 8.23
N ASN B 6 -30.52 5.47 8.47
CA ASN B 6 -31.44 4.83 7.53
C ASN B 6 -32.75 5.62 7.39
N SER B 7 -33.67 5.12 6.57
CA SER B 7 -34.96 5.78 6.35
C SER B 7 -35.99 4.77 5.87
N ASP B 8 -37.23 5.23 5.67
CA ASP B 8 -38.31 4.37 5.20
C ASP B 8 -37.95 3.79 3.83
N ALA B 9 -37.24 4.58 3.04
CA ALA B 9 -36.83 4.15 1.71
C ALA B 9 -35.35 3.77 1.75
N VAL B 10 -34.68 3.93 0.62
CA VAL B 10 -33.25 3.63 0.53
C VAL B 10 -32.54 4.90 0.07
N THR B 11 -31.36 5.17 0.64
CA THR B 11 -30.60 6.36 0.28
C THR B 11 -29.23 6.04 -0.30
N TYR B 12 -28.76 6.90 -1.19
CA TYR B 12 -27.47 6.74 -1.85
C TYR B 12 -26.74 8.08 -1.84
N ALA B 13 -25.48 8.07 -1.41
CA ALA B 13 -24.67 9.29 -1.38
C ALA B 13 -23.97 9.47 -2.72
N LYS B 14 -22.96 10.32 -2.74
CA LYS B 14 -22.18 10.57 -3.95
C LYS B 14 -20.71 10.77 -3.63
N ALA B 15 -19.85 10.19 -4.46
CA ALA B 15 -18.41 10.28 -4.27
C ALA B 15 -17.80 11.48 -5.03
N ALA B 16 -16.89 12.18 -4.35
CA ALA B 16 -16.22 13.33 -4.94
C ALA B 16 -14.92 12.88 -5.60
N ASN B 17 -14.03 12.27 -4.80
CA ASN B 17 -12.75 11.77 -5.31
C ASN B 17 -13.09 10.69 -6.35
N THR B 18 -13.14 11.11 -7.62
CA THR B 18 -13.50 10.20 -8.70
C THR B 18 -12.34 9.35 -9.23
N ARG B 19 -11.10 9.63 -8.79
CA ARG B 19 -9.96 8.85 -9.27
C ARG B 19 -10.08 7.39 -8.83
N THR B 20 -9.83 6.47 -9.74
CA THR B 20 -9.91 5.05 -9.45
C THR B 20 -8.53 4.41 -9.36
N ALA B 21 -8.43 3.33 -8.60
CA ALA B 21 -7.16 2.61 -8.45
C ALA B 21 -6.74 2.11 -9.84
N ALA B 22 -7.71 1.83 -10.70
CA ALA B 22 -7.43 1.33 -12.04
C ALA B 22 -6.63 2.33 -12.88
N GLU B 23 -6.97 3.60 -12.77
CA GLU B 23 -6.29 4.62 -13.57
C GLU B 23 -5.03 5.23 -12.96
N THR B 24 -4.78 4.97 -11.68
CA THR B 24 -3.61 5.55 -11.03
C THR B 24 -2.49 4.57 -10.70
N GLY B 25 -2.76 3.28 -10.82
CA GLY B 25 -1.75 2.29 -10.49
C GLY B 25 -0.46 2.35 -11.30
N ASP B 26 0.61 1.84 -10.71
CA ASP B 26 1.91 1.79 -11.36
C ASP B 26 1.78 0.85 -12.56
N ARG B 27 2.80 0.81 -13.41
CA ARG B 27 2.78 -0.03 -14.60
C ARG B 27 4.16 -0.58 -14.90
N ILE B 28 4.23 -1.82 -15.34
CA ILE B 28 5.53 -2.41 -15.66
C ILE B 28 5.93 -1.84 -17.02
N GLU B 29 7.19 -1.44 -17.17
CA GLU B 29 7.62 -0.88 -18.46
C GLU B 29 8.86 -1.54 -19.03
N TRP B 30 9.56 -2.31 -18.20
CA TRP B 30 10.79 -2.95 -18.63
C TRP B 30 11.03 -4.25 -17.87
N VAL B 31 11.52 -5.25 -18.58
CA VAL B 31 11.82 -6.56 -18.00
C VAL B 31 13.10 -7.10 -18.62
N LYS B 32 14.01 -7.61 -17.79
CA LYS B 32 15.26 -8.19 -18.25
C LYS B 32 15.43 -9.61 -17.69
N LEU B 33 15.64 -10.57 -18.58
CA LEU B 33 15.84 -11.95 -18.16
C LEU B 33 17.25 -12.38 -18.47
N SER B 34 17.85 -13.15 -17.57
CA SER B 34 19.20 -13.63 -17.76
C SER B 34 19.32 -15.10 -17.37
N LEU B 35 20.19 -15.82 -18.08
CA LEU B 35 20.47 -17.22 -17.77
C LEU B 35 21.94 -17.23 -17.44
N ALA B 36 22.27 -17.58 -16.20
CA ALA B 36 23.67 -17.63 -15.78
C ALA B 36 24.00 -19.01 -15.24
N PHE B 37 25.29 -19.28 -15.07
CA PHE B 37 25.73 -20.56 -14.55
C PHE B 37 26.73 -20.41 -13.41
N LEU B 38 26.37 -21.00 -12.28
CA LEU B 38 27.19 -20.97 -11.08
C LEU B 38 28.12 -22.17 -11.15
N PRO B 39 29.42 -21.92 -11.37
CA PRO B 39 30.41 -23.00 -11.47
C PRO B 39 30.78 -23.61 -10.12
N LEU B 40 30.85 -24.94 -10.08
CA LEU B 40 31.23 -25.66 -8.87
C LEU B 40 32.52 -26.40 -9.20
N ALA B 41 33.66 -25.81 -8.83
CA ALA B 41 34.97 -26.41 -9.09
C ALA B 41 35.11 -27.79 -8.48
N THR B 42 34.41 -28.01 -7.37
CA THR B 42 34.44 -29.31 -6.71
C THR B 42 33.09 -29.98 -6.99
N PRO B 43 33.05 -30.91 -7.97
CA PRO B 43 31.82 -31.61 -8.31
C PRO B 43 31.13 -32.21 -7.09
N VAL B 44 29.84 -31.95 -6.98
CA VAL B 44 29.03 -32.41 -5.87
C VAL B 44 28.24 -33.68 -6.20
N SER B 45 28.21 -34.62 -5.27
CA SER B 45 27.47 -35.85 -5.49
C SER B 45 26.85 -36.42 -4.22
N ASP B 46 25.53 -36.63 -4.28
CA ASP B 46 24.81 -37.22 -3.16
C ASP B 46 24.52 -38.67 -3.54
N ALA B 47 23.60 -39.33 -2.83
CA ALA B 47 23.29 -40.72 -3.13
C ALA B 47 22.79 -40.94 -4.56
N LYS B 48 22.19 -39.92 -5.16
CA LYS B 48 21.69 -40.05 -6.53
C LYS B 48 22.82 -40.39 -7.51
N VAL B 49 24.04 -40.00 -7.16
CA VAL B 49 25.20 -40.28 -7.99
C VAL B 49 25.79 -41.64 -7.64
N LEU B 50 25.93 -41.91 -6.34
CA LEU B 50 26.48 -43.18 -5.87
C LEU B 50 25.63 -44.40 -6.20
N THR B 51 24.39 -44.18 -6.63
CA THR B 51 23.53 -45.30 -7.01
C THR B 51 23.46 -45.36 -8.53
N GLY B 52 24.09 -44.39 -9.20
CA GLY B 52 24.10 -44.36 -10.65
C GLY B 52 22.96 -43.64 -11.33
N ARG B 53 22.06 -43.03 -10.57
CA ARG B 53 20.93 -42.30 -11.15
C ARG B 53 21.36 -41.04 -11.90
N GLN B 54 22.39 -40.37 -11.39
CA GLN B 54 22.88 -39.14 -11.99
C GLN B 54 24.40 -39.01 -11.93
N LYS B 55 24.90 -37.98 -12.61
CA LYS B 55 26.32 -37.67 -12.64
C LYS B 55 26.55 -36.54 -11.64
N PRO B 56 27.79 -36.40 -11.15
CA PRO B 56 28.08 -35.34 -10.18
C PRO B 56 27.67 -33.96 -10.67
N LEU B 57 27.26 -33.11 -9.74
CA LEU B 57 26.86 -31.74 -10.04
C LEU B 57 28.11 -30.88 -10.21
N THR B 58 28.19 -30.15 -11.32
CA THR B 58 29.35 -29.31 -11.58
C THR B 58 28.98 -27.84 -11.76
N GLU B 59 27.69 -27.54 -11.73
CA GLU B 59 27.25 -26.16 -11.88
C GLU B 59 25.76 -26.04 -11.56
N VAL B 60 25.29 -24.80 -11.45
CA VAL B 60 23.89 -24.53 -11.16
C VAL B 60 23.38 -23.46 -12.09
N ALA B 61 22.29 -23.76 -12.81
CA ALA B 61 21.70 -22.79 -13.72
C ALA B 61 20.91 -21.78 -12.89
N ILE B 62 21.04 -20.50 -13.24
CA ILE B 62 20.32 -19.45 -12.53
C ILE B 62 19.56 -18.57 -13.52
N ILE B 63 18.24 -18.53 -13.39
CA ILE B 63 17.43 -17.71 -14.28
C ILE B 63 17.03 -16.49 -13.46
N ILE B 64 17.52 -15.32 -13.88
CA ILE B 64 17.25 -14.08 -13.17
C ILE B 64 16.27 -13.19 -13.93
N ALA B 65 15.36 -12.56 -13.20
CA ALA B 65 14.39 -11.63 -13.78
C ALA B 65 14.50 -10.29 -13.07
N GLU B 66 14.55 -9.22 -13.85
CA GLU B 66 14.63 -7.87 -13.31
C GLU B 66 13.47 -7.10 -13.93
N ILE B 67 12.67 -6.47 -13.08
CA ILE B 67 11.50 -5.72 -13.51
C ILE B 67 11.54 -4.28 -12.99
N ARG B 68 11.20 -3.33 -13.87
CA ARG B 68 11.18 -1.91 -13.48
C ARG B 68 9.83 -1.34 -13.86
N SER B 69 9.26 -0.55 -12.96
CA SER B 69 7.96 0.07 -13.19
C SER B 69 8.07 1.53 -13.63
N ARG B 70 6.97 2.05 -14.16
CA ARG B 70 6.89 3.42 -14.61
C ARG B 70 7.26 4.39 -13.46
N ASP B 71 6.71 4.16 -12.27
CA ASP B 71 6.99 5.06 -11.16
C ASP B 71 8.34 4.86 -10.48
N GLY B 72 9.25 4.17 -11.16
CA GLY B 72 10.59 3.99 -10.63
C GLY B 72 10.94 2.86 -9.71
N PHE B 73 10.02 1.93 -9.47
CA PHE B 73 10.31 0.80 -8.60
C PHE B 73 11.02 -0.30 -9.38
N GLU B 74 11.83 -1.07 -8.66
CA GLU B 74 12.58 -2.15 -9.28
C GLU B 74 12.51 -3.43 -8.45
N GLY B 75 12.38 -4.57 -9.12
CA GLY B 75 12.32 -5.84 -8.43
C GLY B 75 13.23 -6.86 -9.06
N VAL B 76 13.76 -7.78 -8.27
CA VAL B 76 14.63 -8.82 -8.78
C VAL B 76 14.27 -10.16 -8.15
N GLY B 77 14.27 -11.22 -8.96
CA GLY B 77 13.96 -12.54 -8.47
C GLY B 77 14.64 -13.59 -9.31
N PHE B 78 14.61 -14.84 -8.87
CA PHE B 78 15.25 -15.89 -9.65
C PHE B 78 14.80 -17.30 -9.33
N SER B 79 15.11 -18.21 -10.24
CA SER B 79 14.82 -19.62 -10.08
C SER B 79 16.14 -20.28 -10.46
N TYR B 80 16.21 -21.60 -10.37
CA TYR B 80 17.46 -22.27 -10.67
C TYR B 80 17.17 -23.67 -11.17
N SER B 81 18.24 -24.36 -11.56
CA SER B 81 18.12 -25.73 -12.02
C SER B 81 19.42 -26.45 -11.75
N LYS B 82 19.35 -27.54 -11.02
CA LYS B 82 20.52 -28.35 -10.75
C LYS B 82 20.43 -29.47 -11.78
N ARG B 83 21.25 -29.36 -12.81
CA ARG B 83 21.30 -30.30 -13.93
C ARG B 83 20.35 -29.77 -14.99
N ALA B 84 20.05 -30.57 -16.01
CA ALA B 84 19.18 -30.11 -17.10
C ALA B 84 17.87 -29.47 -16.65
N GLY B 85 17.45 -28.43 -17.37
CA GLY B 85 16.23 -27.71 -17.04
C GLY B 85 16.36 -26.20 -17.16
N GLY B 86 17.57 -25.69 -16.93
CA GLY B 86 17.80 -24.26 -16.99
C GLY B 86 17.58 -23.63 -18.34
N GLN B 87 18.00 -24.30 -19.41
CA GLN B 87 17.82 -23.75 -20.76
C GLN B 87 16.33 -23.64 -21.05
N GLY B 88 15.56 -24.60 -20.53
CA GLY B 88 14.12 -24.58 -20.78
C GLY B 88 13.41 -23.51 -19.99
N ILE B 89 13.78 -23.36 -18.72
CA ILE B 89 13.15 -22.36 -17.87
C ILE B 89 13.38 -20.99 -18.49
N TYR B 90 14.62 -20.69 -18.85
CA TYR B 90 14.95 -19.42 -19.48
C TYR B 90 14.17 -19.23 -20.78
N ALA B 91 14.18 -20.26 -21.63
CA ALA B 91 13.48 -20.20 -22.92
C ALA B 91 12.00 -19.86 -22.78
N HIS B 92 11.32 -20.46 -21.82
CA HIS B 92 9.90 -20.18 -21.62
C HIS B 92 9.67 -18.78 -21.04
N ALA B 93 10.48 -18.39 -20.06
CA ALA B 93 10.35 -17.06 -19.45
C ALA B 93 10.47 -16.03 -20.58
N LYS B 94 11.47 -16.22 -21.43
CA LYS B 94 11.67 -15.32 -22.54
C LYS B 94 10.47 -15.26 -23.48
N GLU B 95 9.81 -16.40 -23.69
CA GLU B 95 8.67 -16.44 -24.59
C GLU B 95 7.38 -15.82 -24.01
N ILE B 96 7.31 -15.67 -22.68
CA ILE B 96 6.11 -15.10 -22.06
C ILE B 96 6.28 -13.75 -21.35
N ALA B 97 7.52 -13.39 -21.01
CA ALA B 97 7.84 -12.15 -20.32
C ALA B 97 7.15 -10.88 -20.86
N ASP B 98 7.06 -10.78 -22.17
CA ASP B 98 6.43 -9.63 -22.83
C ASP B 98 5.05 -9.30 -22.28
N ASN B 99 4.34 -10.33 -21.82
CA ASN B 99 3.00 -10.18 -21.26
C ASN B 99 2.96 -9.26 -20.05
N LEU B 100 4.12 -9.06 -19.42
CA LEU B 100 4.25 -8.21 -18.25
C LEU B 100 4.08 -6.72 -18.51
N LEU B 101 4.47 -6.28 -19.70
CA LEU B 101 4.39 -4.86 -20.04
C LEU B 101 2.98 -4.29 -19.96
N GLY B 102 2.84 -3.18 -19.23
CA GLY B 102 1.53 -2.54 -19.10
C GLY B 102 0.68 -3.07 -17.96
N GLU B 103 1.19 -4.05 -17.22
CA GLU B 103 0.44 -4.60 -16.10
C GLU B 103 0.76 -3.89 -14.79
N ASP B 104 -0.24 -3.77 -13.93
CA ASP B 104 -0.06 -3.16 -12.61
C ASP B 104 0.74 -4.20 -11.85
N PRO B 105 1.99 -3.88 -11.47
CA PRO B 105 2.81 -4.85 -10.74
C PRO B 105 2.30 -5.32 -9.39
N ASN B 106 1.30 -4.63 -8.83
CA ASN B 106 0.78 -5.04 -7.53
C ASN B 106 -0.18 -6.22 -7.59
N ASP B 107 -0.79 -6.44 -8.75
CA ASP B 107 -1.74 -7.54 -8.92
C ASP B 107 -0.97 -8.79 -9.33
N ILE B 108 -0.21 -9.30 -8.36
CA ILE B 108 0.65 -10.45 -8.56
C ILE B 108 -0.07 -11.72 -9.01
N ASP B 109 -1.18 -12.09 -8.37
CA ASP B 109 -1.91 -13.29 -8.78
C ASP B 109 -2.53 -13.07 -10.15
N LYS B 110 -3.00 -11.86 -10.39
CA LYS B 110 -3.62 -11.53 -11.67
C LYS B 110 -2.60 -11.75 -12.79
N ILE B 111 -1.37 -11.30 -12.55
CA ILE B 111 -0.30 -11.45 -13.54
C ILE B 111 0.05 -12.92 -13.73
N TYR B 112 0.16 -13.65 -12.63
CA TYR B 112 0.49 -15.07 -12.65
C TYR B 112 -0.51 -15.80 -13.55
N THR B 113 -1.80 -15.55 -13.32
CA THR B 113 -2.87 -16.17 -14.11
C THR B 113 -2.73 -15.84 -15.60
N LYS B 114 -2.37 -14.59 -15.89
CA LYS B 114 -2.20 -14.19 -17.28
C LYS B 114 -1.04 -14.94 -17.90
N LEU B 115 0.03 -15.13 -17.13
CA LEU B 115 1.21 -15.83 -17.61
C LEU B 115 0.90 -17.31 -17.82
N LEU B 116 0.05 -17.86 -16.96
CA LEU B 116 -0.34 -19.26 -17.08
C LEU B 116 -1.18 -19.45 -18.35
N TRP B 117 -2.08 -18.52 -18.62
CA TRP B 117 -2.90 -18.61 -19.82
C TRP B 117 -2.04 -18.44 -21.06
N ALA B 118 -0.99 -17.62 -20.96
CA ALA B 118 -0.10 -17.38 -22.08
C ALA B 118 0.61 -18.68 -22.49
N GLY B 119 0.80 -19.58 -21.52
CA GLY B 119 1.43 -20.85 -21.82
C GLY B 119 0.57 -22.01 -21.33
N ALA B 120 -0.73 -21.93 -21.57
CA ALA B 120 -1.66 -22.94 -21.13
C ALA B 120 -1.29 -24.35 -21.61
N SER B 121 -0.75 -24.43 -22.82
CA SER B 121 -0.39 -25.70 -23.42
C SER B 121 0.66 -26.47 -22.60
N VAL B 122 1.45 -25.77 -21.80
CA VAL B 122 2.48 -26.45 -21.02
C VAL B 122 2.24 -26.67 -19.52
N GLY B 123 0.98 -26.59 -19.10
CA GLY B 123 0.66 -26.87 -17.71
C GLY B 123 0.71 -25.82 -16.62
N ARG B 124 0.45 -26.28 -15.40
CA ARG B 124 0.45 -25.43 -14.22
C ARG B 124 1.37 -26.00 -13.16
N SER B 125 2.36 -26.77 -13.61
CA SER B 125 3.33 -27.35 -12.69
C SER B 125 4.60 -27.57 -13.49
N GLY B 126 5.67 -27.94 -12.81
CA GLY B 126 6.90 -28.19 -13.51
C GLY B 126 7.62 -26.96 -14.03
N MET B 127 8.36 -27.18 -15.10
CA MET B 127 9.17 -26.16 -15.74
C MET B 127 8.48 -24.86 -16.06
N ALA B 128 7.25 -24.92 -16.56
CA ALA B 128 6.53 -23.70 -16.92
C ALA B 128 6.36 -22.76 -15.74
N VAL B 129 6.05 -23.27 -14.54
CA VAL B 129 5.88 -22.38 -13.40
C VAL B 129 7.23 -21.95 -12.84
N GLN B 130 8.27 -22.74 -13.09
CA GLN B 130 9.60 -22.40 -12.62
C GLN B 130 10.14 -21.25 -13.47
N ALA B 131 9.49 -21.01 -14.60
CA ALA B 131 9.87 -19.92 -15.50
C ALA B 131 9.12 -18.67 -15.03
N ILE B 132 8.01 -18.88 -14.33
CA ILE B 132 7.22 -17.78 -13.80
C ILE B 132 7.84 -17.37 -12.46
N SER B 133 8.45 -18.33 -11.77
CA SER B 133 9.09 -18.08 -10.48
C SER B 133 9.90 -16.79 -10.38
N PRO B 134 10.90 -16.62 -11.26
CA PRO B 134 11.75 -15.42 -11.22
C PRO B 134 10.91 -14.14 -11.22
N ILE B 135 9.93 -14.11 -12.11
CA ILE B 135 9.04 -12.97 -12.26
C ILE B 135 8.16 -12.75 -11.02
N ASP B 136 7.55 -13.84 -10.52
CA ASP B 136 6.70 -13.75 -9.34
C ASP B 136 7.52 -13.23 -8.17
N ILE B 137 8.70 -13.80 -7.99
CA ILE B 137 9.58 -13.40 -6.90
C ILE B 137 9.99 -11.93 -7.06
N ALA B 138 10.34 -11.51 -8.28
CA ALA B 138 10.74 -10.13 -8.51
C ALA B 138 9.60 -9.18 -8.14
N LEU B 139 8.37 -9.57 -8.48
CA LEU B 139 7.22 -8.73 -8.15
C LEU B 139 7.01 -8.60 -6.64
N TRP B 140 7.26 -9.68 -5.90
CA TRP B 140 7.12 -9.62 -4.45
C TRP B 140 8.23 -8.74 -3.88
N ASP B 141 9.41 -8.83 -4.49
CA ASP B 141 10.58 -8.04 -4.09
C ASP B 141 10.24 -6.57 -4.30
N MET B 142 9.55 -6.28 -5.41
CA MET B 142 9.17 -4.92 -5.72
C MET B 142 8.14 -4.37 -4.73
N LYS B 143 7.10 -5.15 -4.45
CA LYS B 143 6.06 -4.70 -3.52
C LYS B 143 6.61 -4.40 -2.14
N ALA B 144 7.55 -5.21 -1.67
CA ALA B 144 8.14 -5.00 -0.35
C ALA B 144 8.93 -3.70 -0.35
N LYS B 145 9.70 -3.47 -1.42
CA LYS B 145 10.47 -2.25 -1.53
C LYS B 145 9.53 -1.05 -1.58
N ARG B 146 8.41 -1.21 -2.29
CA ARG B 146 7.43 -0.14 -2.39
C ARG B 146 6.94 0.22 -0.99
N ALA B 147 6.90 -0.76 -0.10
CA ALA B 147 6.43 -0.53 1.27
C ALA B 147 7.59 -0.13 2.18
N GLY B 148 8.81 -0.18 1.64
CA GLY B 148 9.98 0.18 2.41
C GLY B 148 10.23 -0.85 3.49
N LEU B 149 10.07 -2.13 3.15
CA LEU B 149 10.28 -3.20 4.13
C LEU B 149 11.00 -4.42 3.58
N PRO B 150 11.64 -5.18 4.47
CA PRO B 150 12.33 -6.40 4.05
C PRO B 150 11.13 -7.28 3.68
N LEU B 151 11.27 -8.19 2.72
CA LEU B 151 10.13 -9.02 2.32
C LEU B 151 9.40 -9.67 3.50
N ALA B 152 10.16 -10.21 4.44
CA ALA B 152 9.58 -10.87 5.60
C ALA B 152 8.59 -9.98 6.36
N LYS B 153 8.89 -8.69 6.45
CA LYS B 153 8.02 -7.76 7.14
C LYS B 153 6.79 -7.45 6.31
N LEU B 154 6.93 -7.44 4.99
CA LEU B 154 5.77 -7.21 4.13
C LEU B 154 4.80 -8.37 4.33
N LEU B 155 5.36 -9.57 4.48
CA LEU B 155 4.54 -10.77 4.67
C LEU B 155 4.03 -10.84 6.10
N GLY B 156 4.83 -10.31 7.03
CA GLY B 156 4.47 -10.33 8.43
C GLY B 156 5.29 -11.46 9.05
N ALA B 157 6.27 -11.10 9.86
CA ALA B 157 7.14 -12.09 10.47
C ALA B 157 6.74 -12.51 11.88
N HIS B 158 7.12 -13.74 12.22
CA HIS B 158 6.87 -14.34 13.53
C HIS B 158 8.20 -14.41 14.25
N ARG B 159 9.28 -14.12 13.53
CA ARG B 159 10.62 -14.15 14.10
C ARG B 159 11.54 -13.25 13.26
N ASP B 160 12.62 -12.79 13.88
CA ASP B 160 13.55 -11.91 13.19
C ASP B 160 14.83 -12.60 12.74
N SER B 161 14.91 -13.89 13.03
CA SER B 161 16.04 -14.70 12.63
C SER B 161 15.52 -16.14 12.54
N VAL B 162 16.25 -17.00 11.84
CA VAL B 162 15.82 -18.39 11.67
C VAL B 162 16.95 -19.39 11.89
N GLN B 163 16.65 -20.46 12.62
CA GLN B 163 17.62 -21.52 12.88
C GLN B 163 18.21 -21.93 11.53
N CYS B 164 19.52 -22.12 11.47
CA CYS B 164 20.16 -22.47 10.22
C CYS B 164 21.08 -23.68 10.34
N TYR B 165 21.07 -24.53 9.32
CA TYR B 165 21.92 -25.71 9.30
C TYR B 165 22.66 -25.75 7.95
N ASN B 166 23.86 -26.33 7.95
CA ASN B 166 24.63 -26.40 6.71
C ASN B 166 24.54 -27.78 6.04
N THR B 167 24.51 -27.78 4.71
CA THR B 167 24.42 -29.01 3.92
C THR B 167 25.65 -29.23 3.04
N SER B 168 26.15 -28.15 2.46
CA SER B 168 27.30 -28.22 1.56
C SER B 168 28.57 -28.88 2.11
N GLY B 169 28.62 -29.09 3.42
CA GLY B 169 29.81 -29.70 4.00
C GLY B 169 29.67 -31.18 4.34
N GLY B 170 28.50 -31.76 4.09
CA GLY B 170 28.31 -33.16 4.41
C GLY B 170 27.89 -34.06 3.26
N PHE B 171 28.38 -33.78 2.05
CA PHE B 171 28.03 -34.60 0.89
C PHE B 171 28.86 -35.88 0.80
N LEU B 172 28.36 -36.83 0.00
CA LEU B 172 29.00 -38.14 -0.16
C LEU B 172 30.37 -38.20 -0.84
N HIS B 173 30.67 -37.22 -1.68
CA HIS B 173 31.97 -37.20 -2.36
C HIS B 173 33.04 -36.69 -1.40
N THR B 174 32.63 -36.35 -0.18
CA THR B 174 33.54 -35.82 0.82
C THR B 174 33.98 -36.89 1.82
N PRO B 175 35.29 -37.15 1.91
CA PRO B 175 35.83 -38.14 2.85
C PRO B 175 35.45 -37.80 4.28
N LEU B 176 35.28 -38.82 5.12
CA LEU B 176 34.88 -38.62 6.51
C LEU B 176 35.66 -37.54 7.26
N ASP B 177 36.98 -37.67 7.31
CA ASP B 177 37.80 -36.69 8.03
C ASP B 177 37.57 -35.26 7.53
N GLN B 178 37.28 -35.13 6.24
CA GLN B 178 37.04 -33.80 5.67
C GLN B 178 35.68 -33.30 6.15
N VAL B 179 34.72 -34.21 6.28
CA VAL B 179 33.39 -33.86 6.77
C VAL B 179 33.53 -33.31 8.18
N LEU B 180 34.30 -34.02 9.01
CA LEU B 180 34.53 -33.61 10.39
C LEU B 180 35.19 -32.24 10.41
N LYS B 181 36.09 -31.99 9.46
CA LYS B 181 36.76 -30.70 9.37
C LYS B 181 35.75 -29.62 9.03
N ASN B 182 34.87 -29.91 8.07
CA ASN B 182 33.85 -28.94 7.67
C ASN B 182 32.96 -28.64 8.86
N VAL B 183 32.66 -29.67 9.64
CA VAL B 183 31.81 -29.52 10.82
C VAL B 183 32.38 -28.46 11.75
N VAL B 184 33.66 -28.60 12.08
CA VAL B 184 34.33 -27.64 12.95
C VAL B 184 34.24 -26.25 12.34
N ILE B 185 34.58 -26.13 11.07
CA ILE B 185 34.53 -24.85 10.37
C ILE B 185 33.12 -24.26 10.46
N SER B 186 32.12 -25.10 10.18
CA SER B 186 30.73 -24.67 10.21
C SER B 186 30.31 -24.23 11.60
N ARG B 187 30.66 -25.05 12.59
CA ARG B 187 30.32 -24.73 13.96
C ARG B 187 31.03 -23.46 14.42
N GLU B 188 32.27 -23.29 13.96
CA GLU B 188 33.05 -22.11 14.30
C GLU B 188 32.44 -20.84 13.73
N ASN B 189 31.71 -20.99 12.61
CA ASN B 189 31.08 -19.85 11.97
C ASN B 189 29.68 -19.58 12.50
N GLY B 190 29.27 -20.35 13.50
CA GLY B 190 27.97 -20.16 14.11
C GLY B 190 26.79 -20.87 13.48
N ILE B 191 27.02 -22.05 12.90
CA ILE B 191 25.94 -22.81 12.28
C ILE B 191 25.09 -23.43 13.39
N GLY B 192 23.80 -23.60 13.14
CA GLY B 192 22.92 -24.18 14.14
C GLY B 192 22.62 -25.65 13.96
N GLY B 193 23.12 -26.25 12.89
CA GLY B 193 22.86 -27.66 12.65
C GLY B 193 23.66 -28.22 11.49
N ILE B 194 23.65 -29.54 11.38
CA ILE B 194 24.38 -30.21 10.33
C ILE B 194 23.55 -31.30 9.66
N LYS B 195 23.58 -31.35 8.33
CA LYS B 195 22.85 -32.38 7.61
C LYS B 195 23.86 -33.25 6.87
N LEU B 196 23.76 -34.55 7.11
CA LEU B 196 24.65 -35.52 6.49
C LEU B 196 23.98 -36.26 5.34
N ALA B 197 24.63 -36.28 4.19
CA ALA B 197 24.09 -36.98 3.03
C ALA B 197 24.30 -38.47 3.22
N VAL B 198 23.20 -39.23 3.17
CA VAL B 198 23.26 -40.69 3.31
C VAL B 198 22.51 -41.34 2.15
N GLY B 199 22.29 -42.65 2.24
CA GLY B 199 21.57 -43.33 1.18
C GLY B 199 22.45 -44.01 0.14
N GLN B 200 23.73 -44.14 0.44
CA GLN B 200 24.64 -44.79 -0.50
C GLN B 200 24.42 -46.30 -0.41
N PRO B 201 24.76 -47.03 -1.48
CA PRO B 201 24.58 -48.50 -1.51
C PRO B 201 25.02 -49.19 -0.22
N ASN B 202 26.20 -48.84 0.26
CA ASN B 202 26.73 -49.43 1.49
C ASN B 202 26.10 -48.78 2.72
N CYS B 203 25.00 -49.38 3.21
CA CYS B 203 24.33 -48.83 4.39
C CYS B 203 25.26 -48.77 5.58
N ALA B 204 26.16 -49.75 5.68
CA ALA B 204 27.11 -49.81 6.77
C ALA B 204 28.00 -48.56 6.82
N GLU B 205 28.42 -48.09 5.65
CA GLU B 205 29.29 -46.92 5.55
C GLU B 205 28.62 -45.62 6.00
N ASP B 206 27.31 -45.50 5.77
CA ASP B 206 26.59 -44.30 6.19
C ASP B 206 26.46 -44.27 7.71
N ILE B 207 26.18 -45.43 8.30
CA ILE B 207 26.07 -45.54 9.75
C ILE B 207 27.41 -45.16 10.38
N ARG B 208 28.49 -45.56 9.73
CA ARG B 208 29.84 -45.26 10.22
C ARG B 208 30.03 -43.75 10.22
N ARG B 209 29.67 -43.11 9.10
CA ARG B 209 29.82 -41.66 8.98
C ARG B 209 28.89 -40.89 9.92
N LEU B 210 27.65 -41.39 10.05
CA LEU B 210 26.66 -40.76 10.93
C LEU B 210 27.10 -40.84 12.39
N THR B 211 27.59 -42.01 12.78
CA THR B 211 28.05 -42.21 14.16
C THR B 211 29.23 -41.28 14.46
N ALA B 212 30.17 -41.22 13.52
CA ALA B 212 31.35 -40.39 13.67
C ALA B 212 30.99 -38.92 13.83
N VAL B 213 30.01 -38.45 13.07
CA VAL B 213 29.58 -37.06 13.14
C VAL B 213 28.86 -36.75 14.45
N ARG B 214 27.96 -37.65 14.86
CA ARG B 214 27.23 -37.46 16.10
C ARG B 214 28.22 -37.43 17.26
N GLU B 215 29.28 -38.23 17.15
CA GLU B 215 30.29 -38.30 18.18
C GLU B 215 31.00 -36.96 18.28
N ALA B 216 31.38 -36.40 17.13
CA ALA B 216 32.08 -35.13 17.08
C ALA B 216 31.24 -33.95 17.54
N LEU B 217 29.98 -33.90 17.11
CA LEU B 217 29.08 -32.80 17.45
C LEU B 217 28.60 -32.83 18.90
N GLY B 218 28.55 -34.01 19.49
CA GLY B 218 28.08 -34.12 20.84
C GLY B 218 26.63 -34.59 20.78
N ASP B 219 26.02 -34.80 21.93
CA ASP B 219 24.65 -35.28 21.99
C ASP B 219 23.55 -34.28 21.63
N GLU B 220 23.73 -33.00 21.97
CA GLU B 220 22.72 -32.00 21.71
C GLU B 220 22.66 -31.29 20.37
N PHE B 221 23.81 -31.05 19.74
CA PHE B 221 23.81 -30.34 18.48
C PHE B 221 22.84 -30.93 17.45
N PRO B 222 22.01 -30.08 16.84
CA PRO B 222 21.03 -30.51 15.84
C PRO B 222 21.70 -31.22 14.66
N LEU B 223 21.27 -32.45 14.42
CA LEU B 223 21.82 -33.26 13.33
C LEU B 223 20.70 -33.91 12.54
N MET B 224 20.84 -33.89 11.21
CA MET B 224 19.84 -34.50 10.34
C MET B 224 20.50 -35.22 9.16
N VAL B 225 19.75 -36.11 8.52
CA VAL B 225 20.28 -36.86 7.38
C VAL B 225 19.35 -36.73 6.18
N ASP B 226 19.91 -36.96 5.00
CA ASP B 226 19.19 -36.85 3.75
C ASP B 226 19.59 -38.00 2.83
N ALA B 227 18.63 -38.89 2.54
CA ALA B 227 18.87 -40.06 1.68
C ALA B 227 18.60 -39.80 0.21
N ASN B 228 18.09 -38.62 -0.11
CA ASN B 228 17.79 -38.25 -1.49
C ASN B 228 17.07 -39.33 -2.30
N GLN B 229 15.99 -39.87 -1.73
CA GLN B 229 15.16 -40.87 -2.40
C GLN B 229 15.80 -42.22 -2.71
N GLN B 230 17.02 -42.45 -2.22
CA GLN B 230 17.70 -43.69 -2.55
C GLN B 230 17.40 -44.98 -1.81
N TRP B 231 16.48 -44.96 -0.84
CA TRP B 231 16.14 -46.20 -0.15
C TRP B 231 14.81 -46.73 -0.66
N ASP B 232 14.59 -48.02 -0.48
CA ASP B 232 13.30 -48.60 -0.84
C ASP B 232 12.63 -48.76 0.53
N ARG B 233 11.33 -49.02 0.56
CA ARG B 233 10.64 -49.13 1.84
C ARG B 233 11.31 -50.04 2.88
N GLU B 234 11.79 -51.21 2.44
CA GLU B 234 12.44 -52.15 3.34
C GLU B 234 13.64 -51.49 4.04
N THR B 235 14.53 -50.91 3.24
CA THR B 235 15.71 -50.28 3.76
C THR B 235 15.37 -49.06 4.63
N ALA B 236 14.47 -48.22 4.15
CA ALA B 236 14.08 -47.02 4.89
C ALA B 236 13.69 -47.31 6.33
N ILE B 237 12.78 -48.27 6.52
CA ILE B 237 12.35 -48.60 7.88
C ILE B 237 13.50 -49.20 8.68
N ARG B 238 14.30 -50.04 8.03
CA ARG B 238 15.44 -50.67 8.70
C ARG B 238 16.46 -49.62 9.13
N MET B 239 16.76 -48.67 8.26
CA MET B 239 17.71 -47.61 8.59
C MET B 239 17.07 -46.69 9.63
N GLY B 240 15.74 -46.55 9.55
CA GLY B 240 15.02 -45.70 10.47
C GLY B 240 15.12 -46.13 11.91
N ARG B 241 14.94 -47.43 12.16
CA ARG B 241 15.03 -47.96 13.51
C ARG B 241 16.44 -47.74 14.03
N LYS B 242 17.41 -48.06 13.18
CA LYS B 242 18.83 -47.94 13.49
C LYS B 242 19.28 -46.52 13.81
N MET B 243 18.56 -45.53 13.29
CA MET B 243 18.92 -44.14 13.54
C MET B 243 18.17 -43.48 14.68
N GLU B 244 17.16 -44.16 15.23
CA GLU B 244 16.38 -43.61 16.34
C GLU B 244 17.32 -43.17 17.46
N GLN B 245 18.45 -43.87 17.59
CA GLN B 245 19.44 -43.59 18.62
C GLN B 245 20.16 -42.24 18.52
N PHE B 246 20.39 -41.78 17.30
CA PHE B 246 21.09 -40.51 17.09
C PHE B 246 20.22 -39.28 17.37
N ASN B 247 18.92 -39.51 17.59
CA ASN B 247 17.97 -38.43 17.85
C ASN B 247 18.11 -37.29 16.84
N LEU B 248 17.98 -37.63 15.57
CA LEU B 248 18.09 -36.67 14.49
C LEU B 248 16.89 -35.73 14.50
N ILE B 249 17.09 -34.56 13.92
CA ILE B 249 16.01 -33.58 13.82
C ILE B 249 15.01 -34.12 12.80
N TRP B 250 15.52 -34.84 11.79
CA TRP B 250 14.67 -35.43 10.77
C TRP B 250 15.42 -36.34 9.80
N ILE B 251 14.68 -37.16 9.07
CA ILE B 251 15.22 -38.04 8.04
C ILE B 251 14.61 -37.48 6.77
N GLU B 252 15.44 -36.98 5.88
CA GLU B 252 14.95 -36.36 4.67
C GLU B 252 14.89 -37.29 3.46
N GLU B 253 13.83 -37.14 2.67
CA GLU B 253 13.64 -37.94 1.46
C GLU B 253 14.15 -39.38 1.55
N PRO B 254 13.58 -40.18 2.46
CA PRO B 254 14.05 -41.56 2.56
C PRO B 254 13.61 -42.41 1.36
N LEU B 255 12.51 -41.99 0.72
CA LEU B 255 11.96 -42.71 -0.44
C LEU B 255 11.74 -41.81 -1.65
N ASP B 256 11.24 -42.40 -2.73
CA ASP B 256 10.95 -41.65 -3.94
C ASP B 256 10.06 -40.47 -3.52
N ALA B 257 10.28 -39.32 -4.14
CA ALA B 257 9.51 -38.12 -3.82
C ALA B 257 8.01 -38.25 -3.98
N TYR B 258 7.57 -39.21 -4.79
CA TYR B 258 6.14 -39.40 -5.03
C TYR B 258 5.55 -40.61 -4.32
N ASP B 259 6.35 -41.28 -3.49
CA ASP B 259 5.85 -42.42 -2.76
C ASP B 259 5.19 -41.90 -1.48
N ILE B 260 3.96 -41.40 -1.62
CA ILE B 260 3.23 -40.85 -0.49
C ILE B 260 2.94 -41.82 0.62
N GLU B 261 2.31 -42.96 0.30
CA GLU B 261 1.99 -43.94 1.33
C GLU B 261 3.27 -44.45 2.00
N GLY B 262 4.36 -44.53 1.23
CA GLY B 262 5.62 -44.99 1.79
C GLY B 262 6.12 -44.06 2.87
N HIS B 263 6.12 -42.77 2.58
CA HIS B 263 6.57 -41.76 3.53
C HIS B 263 5.63 -41.75 4.74
N ALA B 264 4.32 -41.73 4.46
CA ALA B 264 3.31 -41.72 5.53
C ALA B 264 3.56 -42.87 6.49
N GLN B 265 3.83 -44.05 5.94
CA GLN B 265 4.09 -45.24 6.73
C GLN B 265 5.34 -45.09 7.58
N LEU B 266 6.39 -44.49 7.02
CA LEU B 266 7.62 -44.28 7.78
C LEU B 266 7.37 -43.24 8.88
N ALA B 267 6.63 -42.19 8.53
CA ALA B 267 6.32 -41.12 9.48
C ALA B 267 5.57 -41.66 10.69
N ALA B 268 4.56 -42.49 10.44
CA ALA B 268 3.77 -43.06 11.53
C ALA B 268 4.56 -44.07 12.34
N ALA B 269 5.44 -44.81 11.68
CA ALA B 269 6.24 -45.85 12.35
C ALA B 269 7.39 -45.34 13.19
N LEU B 270 7.99 -44.22 12.79
CA LEU B 270 9.12 -43.70 13.54
C LEU B 270 8.78 -42.47 14.39
N ASP B 271 9.57 -42.27 15.44
CA ASP B 271 9.40 -41.12 16.32
C ASP B 271 10.18 -39.97 15.69
N THR B 272 11.28 -40.32 15.04
CA THR B 272 12.10 -39.33 14.36
C THR B 272 11.27 -38.71 13.24
N PRO B 273 11.28 -37.38 13.13
CA PRO B 273 10.51 -36.74 12.07
C PRO B 273 10.99 -37.14 10.68
N ILE B 274 10.07 -37.10 9.72
CA ILE B 274 10.39 -37.42 8.34
C ILE B 274 10.14 -36.16 7.55
N ALA B 275 11.08 -35.80 6.68
CA ALA B 275 10.98 -34.60 5.86
C ALA B 275 11.03 -34.92 4.37
N THR B 276 10.28 -34.18 3.57
CA THR B 276 10.29 -34.37 2.12
C THR B 276 9.59 -33.23 1.41
N GLY B 277 9.74 -33.19 0.08
CA GLY B 277 9.09 -32.17 -0.71
C GLY B 277 9.91 -31.32 -1.65
N GLU B 278 11.23 -31.29 -1.47
CA GLU B 278 12.08 -30.46 -2.30
C GLU B 278 11.96 -30.69 -3.81
N MET B 279 11.65 -31.91 -4.21
CA MET B 279 11.53 -32.23 -5.64
C MET B 279 10.19 -31.85 -6.27
N LEU B 280 9.19 -31.59 -5.43
CA LEU B 280 7.86 -31.25 -5.92
C LEU B 280 7.88 -29.90 -6.64
N THR B 281 7.05 -29.77 -7.66
CA THR B 281 7.04 -28.55 -8.47
C THR B 281 5.71 -27.82 -8.62
N SER B 282 4.88 -27.86 -7.59
CA SER B 282 3.60 -27.16 -7.65
C SER B 282 2.86 -27.30 -6.33
N PHE B 283 1.89 -26.43 -6.12
CA PHE B 283 1.09 -26.48 -4.92
C PHE B 283 0.35 -27.82 -4.88
N ARG B 284 -0.29 -28.18 -5.99
CA ARG B 284 -1.04 -29.43 -6.04
C ARG B 284 -0.21 -30.65 -5.66
N GLU B 285 1.04 -30.69 -6.09
CA GLU B 285 1.92 -31.79 -5.76
C GLU B 285 2.11 -31.86 -4.25
N HIS B 286 2.44 -30.72 -3.65
CA HIS B 286 2.65 -30.65 -2.21
C HIS B 286 1.37 -30.98 -1.46
N GLU B 287 0.24 -30.54 -2.00
CA GLU B 287 -1.04 -30.80 -1.36
C GLU B 287 -1.32 -32.31 -1.26
N GLN B 288 -0.98 -33.07 -2.30
CA GLN B 288 -1.22 -34.51 -2.26
C GLN B 288 -0.37 -35.16 -1.18
N LEU B 289 0.86 -34.67 -0.99
CA LEU B 289 1.71 -35.25 0.04
C LEU B 289 1.22 -34.87 1.43
N ILE B 290 0.74 -33.64 1.58
CA ILE B 290 0.23 -33.18 2.87
C ILE B 290 -1.08 -33.88 3.24
N LEU B 291 -2.02 -33.98 2.30
CA LEU B 291 -3.28 -34.66 2.59
C LEU B 291 -3.03 -36.15 2.80
N GLY B 292 -1.86 -36.63 2.42
CA GLY B 292 -1.52 -38.03 2.60
C GLY B 292 -0.72 -38.26 3.85
N ASN B 293 -0.50 -37.20 4.62
CA ASN B 293 0.27 -37.29 5.85
C ASN B 293 1.65 -37.91 5.64
N ALA B 294 2.27 -37.55 4.52
CA ALA B 294 3.58 -38.07 4.17
C ALA B 294 4.74 -37.66 5.05
N SER B 295 4.72 -36.44 5.60
CA SER B 295 5.84 -36.01 6.42
C SER B 295 5.54 -35.03 7.54
N ASP B 296 6.46 -35.02 8.51
CA ASP B 296 6.42 -34.16 9.68
C ASP B 296 6.94 -32.77 9.31
N PHE B 297 7.91 -32.75 8.40
CA PHE B 297 8.49 -31.51 7.89
C PHE B 297 8.19 -31.40 6.41
N VAL B 298 7.66 -30.26 6.00
CA VAL B 298 7.36 -30.01 4.59
C VAL B 298 8.50 -29.15 4.06
N GLN B 299 9.08 -29.58 2.94
CA GLN B 299 10.21 -28.86 2.37
C GLN B 299 9.98 -28.30 0.98
N PRO B 300 9.15 -27.25 0.87
CA PRO B 300 8.90 -26.67 -0.45
C PRO B 300 10.10 -25.83 -0.89
N ASP B 301 10.16 -25.55 -2.19
CA ASP B 301 11.24 -24.79 -2.80
C ASP B 301 10.52 -23.73 -3.63
N ALA B 302 10.57 -22.47 -3.20
CA ALA B 302 9.88 -21.41 -3.93
C ALA B 302 10.19 -21.41 -5.42
N PRO B 303 11.48 -21.45 -5.79
CA PRO B 303 11.79 -21.44 -7.22
C PRO B 303 11.13 -22.62 -7.94
N ARG B 304 11.19 -23.80 -7.33
CA ARG B 304 10.61 -25.01 -7.93
C ARG B 304 9.09 -25.11 -7.99
N VAL B 305 8.38 -24.52 -7.04
CA VAL B 305 6.92 -24.61 -7.02
C VAL B 305 6.19 -23.49 -7.75
N GLY B 306 6.95 -22.60 -8.38
CA GLY B 306 6.30 -21.50 -9.10
C GLY B 306 6.45 -20.14 -8.45
N GLY B 307 7.24 -20.04 -7.39
CA GLY B 307 7.45 -18.75 -6.74
C GLY B 307 6.91 -18.58 -5.33
N ILE B 308 6.92 -17.33 -4.86
CA ILE B 308 6.44 -17.02 -3.52
C ILE B 308 4.93 -17.21 -3.38
N SER B 309 4.17 -16.78 -4.37
CA SER B 309 2.71 -16.91 -4.30
C SER B 309 2.26 -18.35 -3.99
N PRO B 310 2.70 -19.34 -4.80
CA PRO B 310 2.27 -20.70 -4.47
C PRO B 310 2.91 -21.21 -3.18
N PHE B 311 4.14 -20.77 -2.90
CA PHE B 311 4.84 -21.18 -1.70
C PHE B 311 4.03 -20.77 -0.46
N LEU B 312 3.39 -19.61 -0.55
CA LEU B 312 2.58 -19.12 0.57
C LEU B 312 1.37 -20.02 0.80
N LYS B 313 0.78 -20.53 -0.28
CA LYS B 313 -0.38 -21.41 -0.14
C LYS B 313 0.05 -22.74 0.44
N ILE B 314 1.27 -23.15 0.12
CA ILE B 314 1.80 -24.40 0.64
C ILE B 314 2.03 -24.24 2.13
N MET B 315 2.51 -23.07 2.53
CA MET B 315 2.75 -22.79 3.95
C MET B 315 1.46 -22.86 4.75
N ASP B 316 0.41 -22.23 4.24
CA ASP B 316 -0.87 -22.22 4.93
C ASP B 316 -1.45 -23.62 5.05
N LEU B 317 -1.29 -24.42 4.01
CA LEU B 317 -1.81 -25.78 4.05
C LEU B 317 -1.03 -26.58 5.07
N ALA B 318 0.30 -26.47 5.01
CA ALA B 318 1.18 -27.19 5.92
C ALA B 318 0.89 -26.82 7.38
N ALA B 319 0.75 -25.52 7.63
CA ALA B 319 0.47 -25.02 8.98
C ALA B 319 -0.84 -25.59 9.51
N LYS B 320 -1.85 -25.63 8.65
CA LYS B 320 -3.17 -26.16 9.00
C LYS B 320 -3.06 -27.63 9.45
N HIS B 321 -2.08 -28.35 8.94
CA HIS B 321 -1.91 -29.75 9.30
C HIS B 321 -0.83 -29.95 10.37
N GLY B 322 -0.47 -28.86 11.04
CA GLY B 322 0.51 -28.92 12.09
C GLY B 322 1.91 -29.40 11.73
N ARG B 323 2.32 -29.20 10.49
CA ARG B 323 3.64 -29.61 10.05
C ARG B 323 4.68 -28.49 10.18
N LYS B 324 5.94 -28.85 10.42
CA LYS B 324 7.01 -27.87 10.51
C LYS B 324 7.46 -27.51 9.10
N LEU B 325 8.17 -26.41 8.96
CA LEU B 325 8.66 -25.97 7.65
C LEU B 325 10.18 -25.95 7.58
N ALA B 326 10.72 -26.45 6.47
CA ALA B 326 12.16 -26.46 6.25
C ALA B 326 12.38 -26.30 4.75
N PRO B 327 12.33 -25.04 4.26
CA PRO B 327 12.52 -24.75 2.84
C PRO B 327 13.83 -25.32 2.31
N HIS B 328 13.84 -25.67 1.04
CA HIS B 328 15.04 -26.24 0.43
C HIS B 328 15.82 -25.24 -0.41
N PHE B 329 17.14 -25.19 -0.19
CA PHE B 329 18.01 -24.32 -0.96
C PHE B 329 17.61 -22.84 -0.86
N ALA B 330 18.00 -22.07 -1.88
CA ALA B 330 17.73 -20.64 -2.01
C ALA B 330 17.43 -19.87 -0.72
N MET B 331 18.36 -19.89 0.23
CA MET B 331 18.15 -19.19 1.49
C MET B 331 17.90 -17.69 1.33
N GLU B 332 18.38 -17.12 0.23
CA GLU B 332 18.20 -15.70 -0.04
C GLU B 332 16.71 -15.34 -0.07
N VAL B 333 15.89 -16.28 -0.51
CA VAL B 333 14.45 -16.08 -0.59
C VAL B 333 13.73 -16.74 0.59
N HIS B 334 14.11 -17.98 0.90
CA HIS B 334 13.46 -18.70 1.98
C HIS B 334 13.63 -18.11 3.38
N LEU B 335 14.64 -17.27 3.59
CA LEU B 335 14.81 -16.67 4.92
C LEU B 335 13.54 -15.87 5.25
N HIS B 336 13.08 -15.09 4.28
CA HIS B 336 11.89 -14.26 4.42
C HIS B 336 10.61 -15.09 4.58
N LEU B 337 10.51 -16.17 3.81
CA LEU B 337 9.33 -17.03 3.86
C LEU B 337 9.28 -17.82 5.18
N SER B 338 10.41 -18.38 5.58
CA SER B 338 10.42 -19.13 6.83
C SER B 338 10.18 -18.21 8.03
N ALA B 339 10.64 -16.97 7.95
CA ALA B 339 10.42 -16.02 9.05
C ALA B 339 8.92 -15.80 9.26
N ALA B 340 8.16 -15.92 8.18
CA ALA B 340 6.72 -15.72 8.24
C ALA B 340 5.95 -16.99 8.63
N TYR B 341 6.65 -18.11 8.82
CA TYR B 341 5.95 -19.33 9.19
C TYR B 341 5.62 -19.32 10.67
N PRO B 342 4.37 -19.68 11.03
CA PRO B 342 3.92 -19.72 12.42
C PRO B 342 4.64 -20.69 13.36
N LEU B 343 5.08 -21.83 12.84
CA LEU B 343 5.81 -22.81 13.67
C LEU B 343 7.31 -22.63 13.43
N GLU B 344 8.12 -22.91 14.44
CA GLU B 344 9.58 -22.74 14.35
C GLU B 344 10.16 -23.54 13.17
N PRO B 345 10.69 -22.84 12.15
CA PRO B 345 11.27 -23.48 10.95
C PRO B 345 12.80 -23.60 10.95
N TRP B 346 13.31 -24.27 9.93
CA TRP B 346 14.74 -24.44 9.72
C TRP B 346 15.12 -23.90 8.35
N LEU B 347 16.25 -23.20 8.28
CA LEU B 347 16.73 -22.66 7.02
C LEU B 347 17.99 -23.43 6.62
N GLU B 348 18.09 -23.77 5.34
CA GLU B 348 19.21 -24.53 4.83
C GLU B 348 20.30 -23.65 4.23
N HIS B 349 21.54 -23.86 4.66
CA HIS B 349 22.65 -23.06 4.16
C HIS B 349 23.59 -23.69 3.15
N PHE B 350 23.88 -22.92 2.11
CA PHE B 350 24.82 -23.25 1.04
C PHE B 350 25.57 -21.94 0.82
N GLU B 351 26.80 -22.02 0.33
CA GLU B 351 27.57 -20.81 0.06
C GLU B 351 27.54 -20.54 -1.44
N TRP B 352 27.17 -21.57 -2.20
CA TRP B 352 27.11 -21.52 -3.64
C TRP B 352 26.64 -20.21 -4.27
N LEU B 353 25.54 -19.66 -3.78
CA LEU B 353 25.02 -18.42 -4.35
C LEU B 353 25.58 -17.11 -3.79
N ASN B 354 26.41 -17.18 -2.75
CA ASN B 354 26.96 -15.96 -2.16
C ASN B 354 27.55 -14.98 -3.19
N PRO B 355 28.31 -15.49 -4.17
CA PRO B 355 28.92 -14.61 -5.18
C PRO B 355 27.95 -13.95 -6.17
N LEU B 356 26.68 -14.34 -6.17
CA LEU B 356 25.73 -13.73 -7.10
C LEU B 356 25.29 -12.35 -6.60
N PHE B 357 25.41 -12.15 -5.29
CA PHE B 357 24.98 -10.89 -4.68
C PHE B 357 26.07 -10.12 -3.98
N ASN B 358 25.88 -8.81 -3.88
CA ASN B 358 26.83 -7.92 -3.23
C ASN B 358 26.72 -8.03 -1.71
N GLU B 359 25.52 -8.33 -1.22
CA GLU B 359 25.27 -8.45 0.22
C GLU B 359 25.31 -9.90 0.68
N GLN B 360 25.66 -10.11 1.95
CA GLN B 360 25.73 -11.44 2.54
C GLN B 360 24.89 -11.47 3.81
N LEU B 361 24.21 -12.60 4.06
CA LEU B 361 23.38 -12.73 5.26
C LEU B 361 24.25 -12.94 6.50
N GLU B 362 23.76 -12.43 7.63
CA GLU B 362 24.47 -12.55 8.89
C GLU B 362 24.10 -13.85 9.61
N LEU B 363 25.12 -14.66 9.88
CA LEU B 363 24.95 -15.93 10.59
C LEU B 363 25.57 -15.81 11.96
N ARG B 364 24.74 -15.92 13.00
CA ARG B 364 25.21 -15.79 14.37
C ARG B 364 24.39 -16.61 15.34
N ASP B 365 25.07 -17.35 16.22
CA ASP B 365 24.41 -18.18 17.23
C ASP B 365 23.44 -19.21 16.64
N GLY B 366 23.87 -19.88 15.58
CA GLY B 366 23.04 -20.89 14.96
C GLY B 366 21.84 -20.35 14.21
N ARG B 367 21.76 -19.03 14.02
CA ARG B 367 20.62 -18.44 13.32
C ARG B 367 21.01 -17.46 12.23
N MET B 368 20.14 -17.34 11.22
CA MET B 368 20.38 -16.43 10.12
C MET B 368 19.45 -15.24 10.36
N TRP B 369 20.04 -14.05 10.48
CA TRP B 369 19.26 -12.85 10.76
C TRP B 369 18.81 -12.07 9.56
N ILE B 370 17.57 -11.58 9.61
CA ILE B 370 17.01 -10.80 8.52
C ILE B 370 17.57 -9.38 8.64
N SER B 371 18.19 -8.90 7.57
CA SER B 371 18.78 -7.56 7.60
C SER B 371 17.69 -6.50 7.38
N ASP B 372 18.06 -5.24 7.57
CA ASP B 372 17.12 -4.15 7.39
C ASP B 372 16.90 -3.78 5.93
N ARG B 373 17.65 -4.40 5.03
CA ARG B 373 17.52 -4.11 3.60
C ARG B 373 16.11 -4.45 3.12
N HIS B 374 15.57 -3.66 2.19
CA HIS B 374 14.21 -3.87 1.67
C HIS B 374 14.09 -5.02 0.67
N GLY B 375 12.86 -5.48 0.43
CA GLY B 375 12.64 -6.58 -0.49
C GLY B 375 13.48 -7.77 -0.05
N LEU B 376 14.01 -8.52 -1.01
CA LEU B 376 14.84 -9.67 -0.67
C LEU B 376 16.13 -9.22 0.03
N GLY B 377 16.55 -7.99 -0.22
CA GLY B 377 17.75 -7.47 0.41
C GLY B 377 19.03 -7.87 -0.31
N PHE B 378 18.93 -8.05 -1.62
CA PHE B 378 20.09 -8.45 -2.41
C PHE B 378 20.13 -7.72 -3.73
N THR B 379 21.33 -7.36 -4.18
CA THR B 379 21.50 -6.72 -5.48
C THR B 379 22.47 -7.60 -6.24
N LEU B 380 22.26 -7.74 -7.54
CA LEU B 380 23.12 -8.58 -8.38
C LEU B 380 24.54 -8.04 -8.48
N SER B 381 25.50 -8.92 -8.22
CA SER B 381 26.91 -8.54 -8.26
C SER B 381 27.39 -8.47 -9.70
N GLU B 382 28.65 -8.11 -9.87
CA GLU B 382 29.24 -8.01 -11.20
C GLU B 382 29.55 -9.44 -11.65
N GLN B 383 29.95 -10.28 -10.69
CA GLN B 383 30.27 -11.67 -10.97
C GLN B 383 29.06 -12.40 -11.57
N ALA B 384 27.86 -11.93 -11.23
CA ALA B 384 26.63 -12.52 -11.73
C ALA B 384 26.49 -12.16 -13.21
N ARG B 385 26.97 -10.97 -13.57
CA ARG B 385 26.91 -10.52 -14.96
C ARG B 385 27.98 -11.28 -15.73
N ARG B 386 29.10 -11.54 -15.07
CA ARG B 386 30.21 -12.27 -15.67
C ARG B 386 29.75 -13.69 -16.01
N TRP B 387 28.93 -14.26 -15.15
CA TRP B 387 28.44 -15.61 -15.35
C TRP B 387 27.19 -15.75 -16.20
N THR B 388 26.69 -14.63 -16.73
CA THR B 388 25.50 -14.68 -17.57
C THR B 388 25.87 -15.17 -18.96
N GLN B 389 25.13 -16.14 -19.48
CA GLN B 389 25.42 -16.65 -20.81
C GLN B 389 24.41 -16.13 -21.83
N LEU B 390 23.17 -16.00 -21.41
CA LEU B 390 22.12 -15.50 -22.30
C LEU B 390 21.36 -14.40 -21.58
N THR B 391 20.72 -13.53 -22.34
CA THR B 391 19.93 -12.45 -21.74
C THR B 391 19.04 -11.81 -22.80
N CYS B 392 17.92 -11.24 -22.36
CA CYS B 392 17.01 -10.56 -23.26
C CYS B 392 16.27 -9.48 -22.48
N GLU B 393 15.68 -8.53 -23.19
CA GLU B 393 14.96 -7.44 -22.55
C GLU B 393 13.69 -7.11 -23.31
N PHE B 394 12.74 -6.52 -22.59
CA PHE B 394 11.45 -6.15 -23.16
C PHE B 394 11.11 -4.76 -22.65
N GLY B 395 10.42 -3.98 -23.46
CA GLY B 395 10.04 -2.64 -23.07
C GLY B 395 11.18 -1.65 -23.10
N LYS B 396 11.03 -0.57 -22.35
CA LYS B 396 12.04 0.49 -22.31
C LYS B 396 12.30 0.91 -20.87
N ARG B 397 13.56 0.84 -20.45
CA ARG B 397 13.92 1.21 -19.09
C ARG B 397 13.34 2.59 -18.79
N PRO B 398 12.53 2.71 -17.72
CA PRO B 398 11.94 4.00 -17.38
C PRO B 398 13.00 4.98 -16.88
N SER C 4 34.76 -20.19 -9.08
CA SER C 4 34.14 -21.37 -8.39
C SER C 4 33.25 -20.95 -7.22
N ALA C 5 32.06 -21.54 -7.17
CA ALA C 5 31.12 -21.23 -6.11
C ALA C 5 31.29 -22.17 -4.92
N ASN C 6 32.14 -23.18 -5.05
CA ASN C 6 32.37 -24.12 -3.97
C ASN C 6 33.82 -24.61 -3.93
N SER C 7 34.12 -25.52 -3.01
CA SER C 7 35.46 -26.08 -2.89
C SER C 7 35.40 -27.38 -2.09
N ASP C 8 36.58 -27.97 -1.84
CA ASP C 8 36.66 -29.23 -1.10
C ASP C 8 36.14 -29.07 0.32
N ALA C 9 36.31 -27.87 0.88
CA ALA C 9 35.87 -27.58 2.23
C ALA C 9 34.83 -26.46 2.19
N VAL C 10 34.00 -26.39 3.22
CA VAL C 10 32.96 -25.36 3.31
C VAL C 10 33.55 -24.00 3.66
N THR C 11 32.96 -22.93 3.13
CA THR C 11 33.42 -21.59 3.41
C THR C 11 32.22 -20.69 3.73
N TYR C 12 32.41 -19.78 4.67
CA TYR C 12 31.34 -18.86 5.08
C TYR C 12 31.73 -17.42 4.78
N ALA C 13 30.76 -16.66 4.27
CA ALA C 13 30.99 -15.26 3.91
C ALA C 13 30.89 -14.35 5.13
N LYS C 14 31.02 -13.06 4.88
CA LYS C 14 30.93 -12.05 5.94
C LYS C 14 30.13 -10.85 5.45
N ALA C 15 29.15 -10.44 6.24
CA ALA C 15 28.31 -9.30 5.89
C ALA C 15 28.86 -8.01 6.51
N ALA C 16 28.50 -6.88 5.89
CA ALA C 16 28.94 -5.58 6.38
C ALA C 16 27.79 -4.91 7.14
N ASN C 17 26.70 -4.64 6.44
CA ASN C 17 25.52 -4.02 7.02
C ASN C 17 24.98 -4.95 8.11
N THR C 18 25.39 -4.69 9.35
CA THR C 18 24.99 -5.53 10.47
C THR C 18 23.63 -5.08 11.04
N ARG C 19 22.95 -4.16 10.36
CA ARG C 19 21.65 -3.69 10.82
C ARG C 19 20.57 -4.73 10.54
N THR C 20 19.82 -5.09 11.58
CA THR C 20 18.78 -6.09 11.48
C THR C 20 17.39 -5.47 11.36
N ALA C 21 16.47 -6.21 10.75
CA ALA C 21 15.10 -5.74 10.57
C ALA C 21 14.42 -5.55 11.92
N ALA C 22 14.91 -6.27 12.92
CA ALA C 22 14.37 -6.18 14.27
C ALA C 22 14.66 -4.84 14.93
N GLU C 23 15.85 -4.29 14.68
CA GLU C 23 16.23 -3.03 15.29
C GLU C 23 15.85 -1.77 14.52
N THR C 24 15.40 -1.92 13.27
CA THR C 24 15.03 -0.76 12.46
C THR C 24 13.54 -0.64 12.13
N GLY C 25 12.76 -1.64 12.50
CA GLY C 25 11.34 -1.60 12.20
C GLY C 25 10.55 -0.48 12.88
N ASP C 26 9.35 -0.24 12.37
CA ASP C 26 8.47 0.77 12.94
C ASP C 26 7.94 0.20 14.26
N ARG C 27 7.29 1.04 15.05
CA ARG C 27 6.74 0.60 16.34
C ARG C 27 5.41 1.28 16.64
N ILE C 28 4.48 0.54 17.24
CA ILE C 28 3.19 1.11 17.58
C ILE C 28 3.38 1.96 18.83
N GLU C 29 2.91 3.20 18.80
CA GLU C 29 3.09 4.08 19.95
C GLU C 29 1.80 4.57 20.58
N TRP C 30 0.71 4.52 19.83
CA TRP C 30 -0.55 5.01 20.34
C TRP C 30 -1.72 4.23 19.75
N VAL C 31 -2.72 3.98 20.58
CA VAL C 31 -3.93 3.27 20.17
C VAL C 31 -5.15 3.89 20.81
N LYS C 32 -6.20 4.08 20.02
CA LYS C 32 -7.44 4.64 20.52
C LYS C 32 -8.61 3.74 20.13
N LEU C 33 -9.40 3.34 21.12
CA LEU C 33 -10.56 2.50 20.87
C LEU C 33 -11.84 3.29 21.13
N SER C 34 -12.85 3.08 20.29
CA SER C 34 -14.12 3.79 20.45
C SER C 34 -15.33 2.90 20.23
N LEU C 35 -16.36 3.10 21.05
CA LEU C 35 -17.59 2.36 20.91
C LEU C 35 -18.63 3.39 20.54
N ALA C 36 -19.11 3.32 19.32
CA ALA C 36 -20.10 4.28 18.85
C ALA C 36 -21.39 3.55 18.48
N PHE C 37 -22.47 4.30 18.34
CA PHE C 37 -23.74 3.70 17.96
C PHE C 37 -24.37 4.42 16.78
N LEU C 38 -24.62 3.64 15.74
CA LEU C 38 -25.22 4.09 14.50
C LEU C 38 -26.74 4.01 14.67
N PRO C 39 -27.41 5.15 14.89
CA PRO C 39 -28.86 5.15 15.07
C PRO C 39 -29.64 4.88 13.79
N LEU C 40 -30.70 4.08 13.90
CA LEU C 40 -31.55 3.76 12.76
C LEU C 40 -32.96 4.28 13.04
N ALA C 41 -33.30 5.44 12.49
CA ALA C 41 -34.61 6.06 12.67
C ALA C 41 -35.75 5.10 12.39
N THR C 42 -35.60 4.31 11.33
CA THR C 42 -36.61 3.35 10.95
C THR C 42 -36.18 1.95 11.39
N PRO C 43 -36.79 1.40 12.45
CA PRO C 43 -36.45 0.06 12.95
C PRO C 43 -36.50 -0.97 11.82
N VAL C 44 -35.45 -1.78 11.74
CA VAL C 44 -35.34 -2.80 10.70
C VAL C 44 -35.81 -4.18 11.16
N SER C 45 -36.60 -4.84 10.32
CA SER C 45 -37.10 -6.17 10.63
C SER C 45 -36.92 -7.16 9.51
N ASP C 46 -36.28 -8.28 9.81
CA ASP C 46 -36.11 -9.35 8.84
C ASP C 46 -36.92 -10.52 9.39
N ALA C 47 -36.81 -11.69 8.79
CA ALA C 47 -37.57 -12.85 9.24
C ALA C 47 -37.39 -13.19 10.73
N LYS C 48 -36.19 -12.94 11.26
CA LYS C 48 -35.90 -13.23 12.67
C LYS C 48 -36.86 -12.48 13.59
N VAL C 49 -37.28 -11.29 13.17
CA VAL C 49 -38.21 -10.48 13.94
C VAL C 49 -39.63 -10.99 13.74
N LEU C 50 -39.98 -11.28 12.49
CA LEU C 50 -41.31 -11.78 12.16
C LEU C 50 -41.65 -13.10 12.84
N THR C 51 -40.63 -13.88 13.20
CA THR C 51 -40.87 -15.16 13.88
C THR C 51 -40.74 -15.04 15.39
N GLY C 52 -40.52 -13.80 15.87
CA GLY C 52 -40.39 -13.57 17.30
C GLY C 52 -39.05 -13.93 17.91
N ARG C 53 -38.07 -14.27 17.07
CA ARG C 53 -36.74 -14.62 17.59
C ARG C 53 -36.00 -13.40 18.15
N GLN C 54 -36.26 -12.22 17.58
CA GLN C 54 -35.61 -10.99 18.03
C GLN C 54 -36.53 -9.79 17.84
N LYS C 55 -36.14 -8.66 18.44
CA LYS C 55 -36.89 -7.43 18.32
C LYS C 55 -36.31 -6.60 17.17
N PRO C 56 -37.07 -5.60 16.68
CA PRO C 56 -36.57 -4.78 15.58
C PRO C 56 -35.19 -4.17 15.87
N LEU C 57 -34.39 -4.01 14.82
CA LEU C 57 -33.06 -3.41 14.96
C LEU C 57 -33.22 -1.89 14.92
N THR C 58 -32.72 -1.20 15.94
CA THR C 58 -32.83 0.26 16.01
C THR C 58 -31.50 0.99 16.00
N GLU C 59 -30.41 0.22 15.95
CA GLU C 59 -29.09 0.81 15.93
C GLU C 59 -28.03 -0.27 15.75
N VAL C 60 -26.83 0.17 15.37
CA VAL C 60 -25.71 -0.73 15.16
C VAL C 60 -24.52 -0.25 15.99
N ALA C 61 -23.92 -1.16 16.74
CA ALA C 61 -22.75 -0.82 17.54
C ALA C 61 -21.55 -0.87 16.61
N ILE C 62 -20.66 0.11 16.74
CA ILE C 62 -19.46 0.18 15.91
C ILE C 62 -18.27 0.33 16.86
N ILE C 63 -17.30 -0.58 16.77
CA ILE C 63 -16.12 -0.48 17.63
C ILE C 63 -14.95 -0.10 16.73
N ILE C 64 -14.43 1.10 16.94
CA ILE C 64 -13.34 1.61 16.11
C ILE C 64 -11.98 1.54 16.79
N ALA C 65 -10.95 1.23 16.00
CA ALA C 65 -9.57 1.18 16.49
C ALA C 65 -8.74 2.08 15.59
N GLU C 66 -7.94 2.94 16.21
CA GLU C 66 -7.06 3.86 15.49
C GLU C 66 -5.67 3.59 16.08
N ILE C 67 -4.70 3.29 15.22
CA ILE C 67 -3.35 2.99 15.68
C ILE C 67 -2.33 3.89 15.02
N ARG C 68 -1.42 4.45 15.80
CA ARG C 68 -0.39 5.32 15.25
C ARG C 68 0.99 4.77 15.52
N SER C 69 1.86 4.85 14.50
CA SER C 69 3.21 4.34 14.63
C SER C 69 4.23 5.45 14.79
N ARG C 70 5.36 5.08 15.38
CA ARG C 70 6.45 6.01 15.61
C ARG C 70 6.87 6.74 14.34
N ASP C 71 6.94 6.00 13.22
CA ASP C 71 7.36 6.60 11.97
C ASP C 71 6.29 7.41 11.22
N GLY C 72 5.17 7.65 11.88
CA GLY C 72 4.14 8.47 11.26
C GLY C 72 3.01 7.85 10.48
N PHE C 73 2.81 6.53 10.62
CA PHE C 73 1.73 5.89 9.89
C PHE C 73 0.54 5.64 10.81
N GLU C 74 -0.65 5.68 10.21
CA GLU C 74 -1.90 5.49 10.93
C GLU C 74 -2.83 4.47 10.28
N GLY C 75 -3.45 3.64 11.13
CA GLY C 75 -4.37 2.64 10.65
C GLY C 75 -5.70 2.78 11.35
N VAL C 76 -6.79 2.63 10.62
CA VAL C 76 -8.12 2.71 11.20
C VAL C 76 -8.89 1.46 10.77
N GLY C 77 -9.61 0.85 11.71
CA GLY C 77 -10.37 -0.34 11.41
C GLY C 77 -11.56 -0.40 12.36
N PHE C 78 -12.50 -1.29 12.08
CA PHE C 78 -13.65 -1.40 12.96
C PHE C 78 -14.35 -2.75 12.95
N SER C 79 -15.08 -2.98 14.03
CA SER C 79 -15.86 -4.18 14.21
C SER C 79 -17.26 -3.63 14.50
N TYR C 80 -18.28 -4.48 14.53
CA TYR C 80 -19.62 -3.99 14.80
C TYR C 80 -20.48 -5.08 15.42
N SER C 81 -21.70 -4.71 15.79
CA SER C 81 -22.64 -5.65 16.37
C SER C 81 -24.07 -5.19 16.16
N LYS C 82 -24.91 -6.08 15.66
CA LYS C 82 -26.33 -5.80 15.46
C LYS C 82 -27.00 -6.49 16.64
N ARG C 83 -27.50 -5.68 17.57
CA ARG C 83 -28.12 -6.14 18.80
C ARG C 83 -26.99 -6.33 19.82
N ALA C 84 -27.26 -7.01 20.93
CA ALA C 84 -26.25 -7.18 21.98
C ALA C 84 -24.90 -7.75 21.54
N GLY C 85 -23.82 -7.11 21.98
CA GLY C 85 -22.48 -7.55 21.63
C GLY C 85 -21.44 -6.45 21.65
N GLY C 86 -21.85 -5.24 21.25
CA GLY C 86 -20.93 -4.11 21.22
C GLY C 86 -20.23 -3.78 22.53
N GLN C 87 -20.96 -3.84 23.64
CA GLN C 87 -20.38 -3.53 24.93
C GLN C 87 -19.25 -4.51 25.25
N GLY C 88 -19.50 -5.80 25.02
CA GLY C 88 -18.48 -6.81 25.30
C GLY C 88 -17.29 -6.72 24.36
N ILE C 89 -17.56 -6.46 23.08
CA ILE C 89 -16.46 -6.34 22.11
C ILE C 89 -15.55 -5.18 22.51
N TYR C 90 -16.15 -4.05 22.85
CA TYR C 90 -15.37 -2.89 23.26
C TYR C 90 -14.58 -3.18 24.54
N ALA C 91 -15.24 -3.78 25.52
CA ALA C 91 -14.61 -4.10 26.79
C ALA C 91 -13.40 -4.98 26.64
N HIS C 92 -13.52 -6.05 25.85
CA HIS C 92 -12.39 -6.94 25.67
C HIS C 92 -11.29 -6.25 24.90
N ALA C 93 -11.65 -5.48 23.88
CA ALA C 93 -10.64 -4.77 23.09
C ALA C 93 -9.86 -3.85 24.03
N LYS C 94 -10.59 -3.18 24.91
CA LYS C 94 -9.99 -2.26 25.87
C LYS C 94 -9.05 -2.97 26.84
N GLU C 95 -9.38 -4.20 27.21
CA GLU C 95 -8.56 -4.96 28.15
C GLU C 95 -7.31 -5.59 27.53
N ILE C 96 -7.21 -5.61 26.19
CA ILE C 96 -6.03 -6.21 25.55
C ILE C 96 -5.22 -5.25 24.67
N ALA C 97 -5.81 -4.10 24.31
CA ALA C 97 -5.14 -3.14 23.44
C ALA C 97 -3.74 -2.74 23.88
N ASP C 98 -3.52 -2.68 25.19
CA ASP C 98 -2.24 -2.31 25.75
C ASP C 98 -1.10 -3.18 25.21
N ASN C 99 -1.43 -4.42 24.84
CA ASN C 99 -0.43 -5.34 24.31
C ASN C 99 0.19 -4.86 22.99
N LEU C 100 -0.48 -3.93 22.31
CA LEU C 100 0.00 -3.40 21.03
C LEU C 100 1.21 -2.47 21.12
N LEU C 101 1.32 -1.72 22.20
CA LEU C 101 2.42 -0.77 22.37
C LEU C 101 3.80 -1.41 22.27
N GLY C 102 4.63 -0.85 21.41
CA GLY C 102 5.97 -1.37 21.24
C GLY C 102 6.13 -2.45 20.17
N GLU C 103 5.02 -2.98 19.66
CA GLU C 103 5.10 -4.02 18.63
C GLU C 103 5.38 -3.43 17.25
N ASP C 104 6.00 -4.22 16.39
CA ASP C 104 6.27 -3.81 15.01
C ASP C 104 4.91 -4.00 14.33
N PRO C 105 4.29 -2.91 13.88
CA PRO C 105 2.98 -3.03 13.24
C PRO C 105 2.89 -3.92 12.00
N ASN C 106 4.04 -4.27 11.41
CA ASN C 106 4.02 -5.10 10.22
C ASN C 106 3.83 -6.59 10.48
N ASP C 107 4.15 -7.04 11.69
CA ASP C 107 3.99 -8.45 12.03
C ASP C 107 2.59 -8.66 12.55
N ILE C 108 1.62 -8.48 11.66
CA ILE C 108 0.21 -8.60 11.97
C ILE C 108 -0.20 -9.92 12.61
N ASP C 109 0.23 -11.05 12.04
CA ASP C 109 -0.16 -12.32 12.64
C ASP C 109 0.54 -12.60 13.96
N LYS C 110 1.74 -12.08 14.13
CA LYS C 110 2.49 -12.26 15.37
C LYS C 110 1.71 -11.52 16.46
N ILE C 111 1.23 -10.33 16.11
CA ILE C 111 0.44 -9.50 17.03
C ILE C 111 -0.89 -10.19 17.33
N TYR C 112 -1.53 -10.71 16.29
CA TYR C 112 -2.81 -11.39 16.44
C TYR C 112 -2.66 -12.50 17.47
N THR C 113 -1.57 -13.26 17.34
CA THR C 113 -1.30 -14.36 18.25
C THR C 113 -1.08 -13.87 19.68
N LYS C 114 -0.34 -12.78 19.82
CA LYS C 114 -0.09 -12.22 21.16
C LYS C 114 -1.42 -11.81 21.79
N LEU C 115 -2.33 -11.28 20.99
CA LEU C 115 -3.64 -10.86 21.50
C LEU C 115 -4.49 -12.06 21.93
N LEU C 116 -4.40 -13.16 21.20
CA LEU C 116 -5.14 -14.37 21.55
C LEU C 116 -4.61 -14.92 22.86
N TRP C 117 -3.28 -14.98 23.01
CA TRP C 117 -2.68 -15.48 24.24
C TRP C 117 -3.05 -14.61 25.44
N ALA C 118 -3.13 -13.29 25.23
CA ALA C 118 -3.49 -12.39 26.30
C ALA C 118 -4.93 -12.66 26.76
N GLY C 119 -5.75 -13.19 25.86
CA GLY C 119 -7.13 -13.51 26.20
C GLY C 119 -7.41 -14.99 25.98
N ALA C 120 -6.43 -15.82 26.28
CA ALA C 120 -6.55 -17.27 26.08
C ALA C 120 -7.80 -17.89 26.69
N SER C 121 -8.20 -17.37 27.85
CA SER C 121 -9.35 -17.89 28.57
C SER C 121 -10.67 -17.72 27.83
N VAL C 122 -10.76 -16.74 26.93
CA VAL C 122 -12.02 -16.52 26.23
C VAL C 122 -12.16 -17.06 24.79
N GLY C 123 -11.24 -17.93 24.38
CA GLY C 123 -11.36 -18.54 23.07
C GLY C 123 -10.73 -17.97 21.80
N ARG C 124 -10.88 -18.71 20.72
CA ARG C 124 -10.35 -18.33 19.43
C ARG C 124 -11.45 -18.09 18.39
N SER C 125 -12.65 -17.79 18.87
CA SER C 125 -13.78 -17.53 17.99
C SER C 125 -14.77 -16.66 18.76
N GLY C 126 -15.74 -16.09 18.06
CA GLY C 126 -16.73 -15.28 18.74
C GLY C 126 -16.28 -13.89 19.12
N MET C 127 -16.86 -13.36 20.19
CA MET C 127 -16.59 -12.02 20.67
C MET C 127 -15.13 -11.59 20.80
N ALA C 128 -14.31 -12.44 21.42
CA ALA C 128 -12.91 -12.12 21.62
C ALA C 128 -12.19 -11.77 20.31
N VAL C 129 -12.38 -12.58 19.27
CA VAL C 129 -11.71 -12.28 18.02
C VAL C 129 -12.38 -11.08 17.36
N GLN C 130 -13.65 -10.86 17.67
CA GLN C 130 -14.35 -9.71 17.11
C GLN C 130 -13.82 -8.44 17.77
N ALA C 131 -13.14 -8.61 18.90
CA ALA C 131 -12.54 -7.50 19.64
C ALA C 131 -11.17 -7.25 19.01
N ILE C 132 -10.65 -8.26 18.33
CA ILE C 132 -9.36 -8.16 17.66
C ILE C 132 -9.52 -7.63 16.23
N SER C 133 -10.70 -7.87 15.64
CA SER C 133 -10.96 -7.41 14.28
C SER C 133 -10.62 -5.95 13.98
N PRO C 134 -11.10 -5.00 14.80
CA PRO C 134 -10.76 -3.61 14.48
C PRO C 134 -9.24 -3.35 14.48
N ILE C 135 -8.54 -3.98 15.41
CA ILE C 135 -7.08 -3.84 15.49
C ILE C 135 -6.41 -4.50 14.27
N ASP C 136 -6.81 -5.73 13.94
CA ASP C 136 -6.25 -6.46 12.79
C ASP C 136 -6.49 -5.66 11.52
N ILE C 137 -7.71 -5.15 11.36
CA ILE C 137 -8.06 -4.37 10.18
C ILE C 137 -7.28 -3.06 10.12
N ALA C 138 -7.10 -2.40 11.27
CA ALA C 138 -6.33 -1.15 11.29
C ALA C 138 -4.89 -1.41 10.88
N LEU C 139 -4.32 -2.53 11.31
CA LEU C 139 -2.94 -2.84 10.96
C LEU C 139 -2.79 -3.08 9.44
N TRP C 140 -3.77 -3.72 8.82
CA TRP C 140 -3.72 -3.96 7.37
C TRP C 140 -3.87 -2.62 6.66
N ASP C 141 -4.76 -1.78 7.19
CA ASP C 141 -4.98 -0.44 6.65
C ASP C 141 -3.64 0.30 6.71
N MET C 142 -2.93 0.15 7.82
CA MET C 142 -1.64 0.83 7.96
C MET C 142 -0.62 0.32 6.97
N LYS C 143 -0.52 -1.00 6.83
CA LYS C 143 0.45 -1.56 5.89
C LYS C 143 0.19 -1.05 4.48
N ALA C 144 -1.08 -1.04 4.07
CA ALA C 144 -1.42 -0.57 2.73
C ALA C 144 -0.96 0.88 2.55
N LYS C 145 -1.26 1.72 3.55
CA LYS C 145 -0.86 3.13 3.48
C LYS C 145 0.66 3.24 3.43
N ARG C 146 1.35 2.42 4.20
CA ARG C 146 2.80 2.43 4.20
C ARG C 146 3.31 2.20 2.78
N ALA C 147 2.62 1.36 2.03
CA ALA C 147 3.00 1.03 0.66
C ALA C 147 2.42 2.00 -0.36
N GLY C 148 1.58 2.92 0.10
CA GLY C 148 0.96 3.89 -0.79
C GLY C 148 -0.01 3.23 -1.74
N LEU C 149 -0.78 2.26 -1.23
CA LEU C 149 -1.74 1.53 -2.06
C LEU C 149 -3.11 1.31 -1.44
N PRO C 150 -4.14 1.17 -2.30
CA PRO C 150 -5.48 0.91 -1.77
C PRO C 150 -5.29 -0.51 -1.18
N LEU C 151 -6.08 -0.92 -0.19
CA LEU C 151 -5.87 -2.26 0.38
C LEU C 151 -5.91 -3.35 -0.68
N ALA C 152 -6.86 -3.24 -1.61
CA ALA C 152 -7.00 -4.22 -2.68
C ALA C 152 -5.70 -4.44 -3.46
N LYS C 153 -4.91 -3.38 -3.61
CA LYS C 153 -3.65 -3.50 -4.34
C LYS C 153 -2.51 -4.08 -3.49
N LEU C 154 -2.59 -3.90 -2.18
CA LEU C 154 -1.57 -4.46 -1.30
C LEU C 154 -1.74 -5.99 -1.31
N LEU C 155 -3.00 -6.43 -1.33
CA LEU C 155 -3.32 -7.86 -1.33
C LEU C 155 -3.15 -8.46 -2.72
N GLY C 156 -3.38 -7.65 -3.75
CA GLY C 156 -3.29 -8.12 -5.11
C GLY C 156 -4.73 -8.22 -5.58
N ALA C 157 -5.09 -7.41 -6.57
CA ALA C 157 -6.46 -7.43 -7.06
C ALA C 157 -6.60 -8.25 -8.34
N HIS C 158 -7.82 -8.69 -8.58
CA HIS C 158 -8.16 -9.48 -9.76
C HIS C 158 -9.13 -8.65 -10.59
N ARG C 159 -9.67 -7.62 -9.96
CA ARG C 159 -10.62 -6.72 -10.60
C ARG C 159 -10.49 -5.35 -9.95
N ASP C 160 -10.91 -4.31 -10.67
CA ASP C 160 -10.83 -2.95 -10.17
C ASP C 160 -12.17 -2.45 -9.66
N SER C 161 -13.19 -3.28 -9.82
CA SER C 161 -14.54 -2.96 -9.37
C SER C 161 -15.27 -4.26 -9.10
N VAL C 162 -16.32 -4.21 -8.30
CA VAL C 162 -17.08 -5.40 -7.92
C VAL C 162 -18.60 -5.22 -8.05
N GLN C 163 -19.27 -6.22 -8.63
CA GLN C 163 -20.73 -6.20 -8.79
C GLN C 163 -21.33 -5.93 -7.42
N CYS C 164 -22.37 -5.10 -7.38
CA CYS C 164 -22.98 -4.71 -6.12
C CYS C 164 -24.50 -4.85 -6.16
N TYR C 165 -25.09 -5.30 -5.06
CA TYR C 165 -26.54 -5.46 -4.97
C TYR C 165 -27.01 -4.78 -3.69
N ASN C 166 -28.25 -4.32 -3.66
CA ASN C 166 -28.75 -3.66 -2.45
C ASN C 166 -29.67 -4.50 -1.57
N THR C 167 -29.47 -4.37 -0.27
CA THR C 167 -30.24 -5.10 0.74
C THR C 167 -31.14 -4.19 1.57
N SER C 168 -30.61 -3.05 1.98
CA SER C 168 -31.34 -2.09 2.82
C SER C 168 -32.76 -1.71 2.38
N GLY C 169 -33.07 -1.87 1.10
CA GLY C 169 -34.40 -1.51 0.64
C GLY C 169 -35.36 -2.67 0.38
N GLY C 170 -35.07 -3.84 0.94
CA GLY C 170 -35.94 -4.98 0.72
C GLY C 170 -36.36 -5.76 1.96
N PHE C 171 -36.25 -5.13 3.12
CA PHE C 171 -36.61 -5.78 4.37
C PHE C 171 -38.12 -6.05 4.51
N LEU C 172 -38.45 -6.88 5.49
CA LEU C 172 -39.83 -7.27 5.75
C LEU C 172 -40.72 -6.26 6.47
N HIS C 173 -40.10 -5.24 7.07
CA HIS C 173 -40.88 -4.21 7.76
C HIS C 173 -41.33 -3.17 6.74
N THR C 174 -40.93 -3.38 5.49
CA THR C 174 -41.26 -2.47 4.40
C THR C 174 -42.42 -2.96 3.52
N PRO C 175 -43.50 -2.18 3.44
CA PRO C 175 -44.65 -2.56 2.62
C PRO C 175 -44.26 -2.78 1.16
N LEU C 176 -44.87 -3.75 0.51
CA LEU C 176 -44.55 -4.06 -0.88
C LEU C 176 -44.41 -2.83 -1.79
N ASP C 177 -45.31 -1.87 -1.64
CA ASP C 177 -45.27 -0.66 -2.46
C ASP C 177 -43.97 0.13 -2.29
N GLN C 178 -43.46 0.20 -1.07
CA GLN C 178 -42.21 0.90 -0.78
C GLN C 178 -41.02 0.13 -1.32
N VAL C 179 -41.07 -1.18 -1.21
CA VAL C 179 -39.98 -2.03 -1.70
C VAL C 179 -39.79 -1.76 -3.19
N LEU C 180 -40.91 -1.68 -3.91
CA LEU C 180 -40.86 -1.41 -5.34
C LEU C 180 -40.34 0.00 -5.60
N LYS C 181 -40.65 0.94 -4.70
CA LYS C 181 -40.17 2.31 -4.84
C LYS C 181 -38.66 2.32 -4.64
N ASN C 182 -38.18 1.47 -3.73
CA ASN C 182 -36.75 1.40 -3.46
C ASN C 182 -36.01 0.76 -4.65
N VAL C 183 -36.67 -0.17 -5.33
CA VAL C 183 -36.04 -0.82 -6.48
C VAL C 183 -35.64 0.22 -7.53
N VAL C 184 -36.60 1.03 -7.97
CA VAL C 184 -36.32 2.05 -8.97
C VAL C 184 -35.19 2.97 -8.51
N ILE C 185 -35.29 3.49 -7.28
CA ILE C 185 -34.27 4.37 -6.73
C ILE C 185 -32.90 3.69 -6.83
N SER C 186 -32.84 2.43 -6.40
CA SER C 186 -31.60 1.67 -6.44
C SER C 186 -31.05 1.47 -7.86
N ARG C 187 -31.94 1.20 -8.81
CA ARG C 187 -31.49 1.00 -10.19
C ARG C 187 -31.04 2.33 -10.77
N GLU C 188 -31.78 3.39 -10.48
CA GLU C 188 -31.45 4.72 -10.98
C GLU C 188 -30.07 5.13 -10.48
N ASN C 189 -29.64 4.54 -9.37
CA ASN C 189 -28.35 4.86 -8.80
C ASN C 189 -27.26 3.89 -9.24
N GLY C 190 -27.62 3.01 -10.18
CA GLY C 190 -26.65 2.06 -10.71
C GLY C 190 -26.35 0.83 -9.89
N ILE C 191 -27.34 0.32 -9.16
CA ILE C 191 -27.13 -0.90 -8.36
C ILE C 191 -27.11 -2.08 -9.34
N GLY C 192 -26.33 -3.10 -9.01
CA GLY C 192 -26.24 -4.25 -9.90
C GLY C 192 -27.13 -5.42 -9.52
N GLY C 193 -27.82 -5.32 -8.41
CA GLY C 193 -28.69 -6.40 -7.98
C GLY C 193 -29.57 -6.03 -6.82
N ILE C 194 -30.56 -6.87 -6.54
CA ILE C 194 -31.50 -6.65 -5.46
C ILE C 194 -31.69 -7.93 -4.65
N LYS C 195 -31.66 -7.81 -3.33
CA LYS C 195 -31.87 -8.96 -2.45
C LYS C 195 -33.15 -8.71 -1.65
N LEU C 196 -34.07 -9.65 -1.71
CA LEU C 196 -35.33 -9.54 -0.99
C LEU C 196 -35.35 -10.42 0.25
N ALA C 197 -35.67 -9.83 1.40
CA ALA C 197 -35.72 -10.57 2.65
C ALA C 197 -37.03 -11.38 2.69
N VAL C 198 -36.90 -12.69 2.85
CA VAL C 198 -38.06 -13.58 2.92
C VAL C 198 -37.92 -14.46 4.16
N GLY C 199 -38.71 -15.53 4.21
CA GLY C 199 -38.65 -16.43 5.34
C GLY C 199 -39.61 -16.09 6.46
N GLN C 200 -40.67 -15.34 6.14
CA GLN C 200 -41.67 -14.97 7.13
C GLN C 200 -42.69 -16.10 7.26
N PRO C 201 -43.31 -16.23 8.43
CA PRO C 201 -44.31 -17.29 8.67
C PRO C 201 -45.27 -17.50 7.49
N ASN C 202 -45.75 -16.41 6.91
CA ASN C 202 -46.65 -16.50 5.76
C ASN C 202 -45.83 -16.66 4.49
N CYS C 203 -45.69 -17.92 4.05
CA CYS C 203 -44.93 -18.23 2.85
C CYS C 203 -45.59 -17.66 1.59
N ALA C 204 -46.93 -17.66 1.60
CA ALA C 204 -47.69 -17.14 0.47
C ALA C 204 -47.29 -15.70 0.19
N GLU C 205 -47.10 -14.92 1.25
CA GLU C 205 -46.73 -13.52 1.10
C GLU C 205 -45.35 -13.36 0.48
N ASP C 206 -44.36 -14.10 0.98
CA ASP C 206 -43.01 -14.00 0.42
C ASP C 206 -43.04 -14.26 -1.09
N ILE C 207 -43.89 -15.20 -1.52
CA ILE C 207 -43.99 -15.50 -2.94
C ILE C 207 -44.61 -14.30 -3.64
N ARG C 208 -45.60 -13.70 -2.99
CA ARG C 208 -46.26 -12.52 -3.54
C ARG C 208 -45.21 -11.43 -3.73
N ARG C 209 -44.59 -11.01 -2.64
CA ARG C 209 -43.57 -9.98 -2.68
C ARG C 209 -42.47 -10.32 -3.70
N LEU C 210 -42.04 -11.58 -3.72
CA LEU C 210 -40.99 -12.02 -4.63
C LEU C 210 -41.37 -11.92 -6.11
N THR C 211 -42.58 -12.37 -6.44
CA THR C 211 -43.04 -12.31 -7.84
C THR C 211 -43.21 -10.87 -8.28
N ALA C 212 -43.59 -10.00 -7.34
CA ALA C 212 -43.79 -8.58 -7.63
C ALA C 212 -42.48 -7.88 -7.96
N VAL C 213 -41.40 -8.29 -7.30
CA VAL C 213 -40.09 -7.71 -7.53
C VAL C 213 -39.51 -8.19 -8.85
N ARG C 214 -39.61 -9.49 -9.13
CA ARG C 214 -39.09 -10.04 -10.38
C ARG C 214 -39.79 -9.39 -11.57
N GLU C 215 -41.07 -9.08 -11.39
CA GLU C 215 -41.85 -8.45 -12.46
C GLU C 215 -41.28 -7.09 -12.85
N ALA C 216 -41.08 -6.23 -11.86
CA ALA C 216 -40.55 -4.89 -12.10
C ALA C 216 -39.14 -4.90 -12.69
N LEU C 217 -38.25 -5.72 -12.12
CA LEU C 217 -36.87 -5.81 -12.58
C LEU C 217 -36.69 -6.41 -13.97
N GLY C 218 -37.67 -7.19 -14.40
CA GLY C 218 -37.55 -7.83 -15.70
C GLY C 218 -36.95 -9.20 -15.43
N ASP C 219 -36.61 -9.94 -16.47
CA ASP C 219 -36.07 -11.29 -16.30
C ASP C 219 -34.57 -11.40 -15.97
N GLU C 220 -33.78 -10.49 -16.51
CA GLU C 220 -32.33 -10.54 -16.33
C GLU C 220 -31.71 -9.93 -15.07
N PHE C 221 -32.25 -8.81 -14.62
CA PHE C 221 -31.68 -8.15 -13.45
C PHE C 221 -31.44 -9.10 -12.28
N PRO C 222 -30.17 -9.23 -11.84
CA PRO C 222 -29.79 -10.11 -10.73
C PRO C 222 -30.65 -9.88 -9.49
N LEU C 223 -31.34 -10.93 -9.09
CA LEU C 223 -32.21 -10.89 -7.91
C LEU C 223 -31.86 -12.06 -7.00
N MET C 224 -31.90 -11.82 -5.69
CA MET C 224 -31.60 -12.86 -4.71
C MET C 224 -32.49 -12.72 -3.48
N VAL C 225 -32.61 -13.78 -2.71
CA VAL C 225 -33.45 -13.77 -1.50
C VAL C 225 -32.67 -14.24 -0.28
N ASP C 226 -33.17 -13.86 0.89
CA ASP C 226 -32.54 -14.22 2.15
C ASP C 226 -33.61 -14.53 3.22
N ALA C 227 -33.58 -15.77 3.72
CA ALA C 227 -34.55 -16.23 4.72
C ALA C 227 -34.10 -16.06 6.18
N ASN C 228 -32.87 -15.61 6.38
CA ASN C 228 -32.34 -15.41 7.73
C ASN C 228 -32.58 -16.56 8.70
N GLN C 229 -32.32 -17.79 8.23
CA GLN C 229 -32.45 -18.99 9.05
C GLN C 229 -33.87 -19.31 9.52
N GLN C 230 -34.88 -18.74 8.91
CA GLN C 230 -36.24 -18.99 9.40
C GLN C 230 -37.08 -20.11 8.82
N TRP C 231 -36.48 -20.98 8.00
CA TRP C 231 -37.24 -22.10 7.44
C TRP C 231 -36.72 -23.41 8.02
N ASP C 232 -37.59 -24.41 8.11
CA ASP C 232 -37.14 -25.72 8.55
C ASP C 232 -36.80 -26.42 7.23
N ARG C 233 -36.20 -27.59 7.29
CA ARG C 233 -35.82 -28.30 6.07
C ARG C 233 -36.96 -28.50 5.09
N GLU C 234 -38.12 -28.92 5.58
CA GLU C 234 -39.30 -29.16 4.73
C GLU C 234 -39.66 -27.93 3.93
N THR C 235 -39.85 -26.82 4.63
CA THR C 235 -40.20 -25.56 4.00
C THR C 235 -39.11 -25.13 3.03
N ALA C 236 -37.86 -25.26 3.48
CA ALA C 236 -36.71 -24.88 2.67
C ALA C 236 -36.78 -25.48 1.27
N ILE C 237 -36.70 -26.81 1.17
CA ILE C 237 -36.75 -27.46 -0.13
C ILE C 237 -38.02 -27.09 -0.88
N ARG C 238 -39.15 -27.04 -0.18
CA ARG C 238 -40.42 -26.70 -0.80
C ARG C 238 -40.32 -25.32 -1.46
N MET C 239 -40.02 -24.30 -0.66
CA MET C 239 -39.89 -22.93 -1.17
C MET C 239 -38.81 -22.85 -2.26
N GLY C 240 -37.65 -23.45 -1.97
CA GLY C 240 -36.56 -23.43 -2.93
C GLY C 240 -36.93 -24.00 -4.27
N ARG C 241 -37.60 -25.15 -4.24
CA ARG C 241 -38.03 -25.83 -5.45
C ARG C 241 -38.99 -24.94 -6.23
N LYS C 242 -39.78 -24.18 -5.49
CA LYS C 242 -40.76 -23.27 -6.09
C LYS C 242 -40.08 -22.01 -6.64
N MET C 243 -39.05 -21.53 -5.93
CA MET C 243 -38.34 -20.33 -6.35
C MET C 243 -37.44 -20.52 -7.56
N GLU C 244 -37.35 -21.75 -8.05
CA GLU C 244 -36.51 -22.03 -9.21
C GLU C 244 -36.99 -21.20 -10.39
N GLN C 245 -38.25 -20.77 -10.34
CA GLN C 245 -38.87 -19.98 -11.40
C GLN C 245 -38.56 -18.49 -11.32
N PHE C 246 -37.41 -18.15 -10.75
CA PHE C 246 -37.03 -16.75 -10.63
C PHE C 246 -35.57 -16.60 -11.05
N ASN C 247 -34.92 -17.74 -11.28
CA ASN C 247 -33.52 -17.76 -11.67
C ASN C 247 -32.75 -16.81 -10.77
N LEU C 248 -32.78 -17.10 -9.47
CA LEU C 248 -32.11 -16.28 -8.47
C LEU C 248 -30.61 -16.48 -8.49
N ILE C 249 -29.87 -15.45 -8.12
CA ILE C 249 -28.42 -15.56 -8.05
C ILE C 249 -28.14 -16.53 -6.91
N TRP C 250 -28.98 -16.47 -5.88
CA TRP C 250 -28.86 -17.37 -4.75
C TRP C 250 -30.02 -17.26 -3.76
N ILE C 251 -30.09 -18.25 -2.87
CA ILE C 251 -31.07 -18.30 -1.81
C ILE C 251 -30.16 -18.26 -0.59
N GLU C 252 -30.31 -17.23 0.24
CA GLU C 252 -29.44 -17.06 1.40
C GLU C 252 -30.01 -17.50 2.73
N GLU C 253 -29.15 -18.16 3.52
CA GLU C 253 -29.50 -18.68 4.83
C GLU C 253 -30.89 -19.28 4.95
N PRO C 254 -31.20 -20.30 4.12
CA PRO C 254 -32.52 -20.91 4.18
C PRO C 254 -32.75 -21.63 5.52
N LEU C 255 -31.66 -22.06 6.14
CA LEU C 255 -31.74 -22.80 7.41
C LEU C 255 -30.82 -22.25 8.50
N ASP C 256 -30.87 -22.88 9.67
CA ASP C 256 -30.04 -22.48 10.79
C ASP C 256 -28.61 -22.41 10.30
N ALA C 257 -27.89 -21.37 10.73
CA ALA C 257 -26.52 -21.14 10.31
C ALA C 257 -25.59 -22.31 10.56
N TYR C 258 -25.94 -23.17 11.51
CA TYR C 258 -25.09 -24.32 11.82
C TYR C 258 -25.61 -25.65 11.28
N ASP C 259 -26.70 -25.61 10.52
CA ASP C 259 -27.25 -26.82 9.94
C ASP C 259 -26.48 -27.12 8.65
N ILE C 260 -25.27 -27.66 8.81
CA ILE C 260 -24.42 -27.97 7.66
C ILE C 260 -25.04 -28.98 6.69
N GLU C 261 -25.46 -30.13 7.23
CA GLU C 261 -26.05 -31.17 6.38
C GLU C 261 -27.32 -30.67 5.70
N GLY C 262 -28.08 -29.83 6.41
CA GLY C 262 -29.30 -29.31 5.86
C GLY C 262 -29.04 -28.42 4.65
N HIS C 263 -28.02 -27.57 4.77
CA HIS C 263 -27.67 -26.67 3.67
C HIS C 263 -27.12 -27.49 2.50
N ALA C 264 -26.17 -28.38 2.82
CA ALA C 264 -25.57 -29.26 1.82
C ALA C 264 -26.65 -29.98 1.01
N GLN C 265 -27.64 -30.51 1.73
CA GLN C 265 -28.74 -31.22 1.12
C GLN C 265 -29.49 -30.31 0.15
N LEU C 266 -29.73 -29.08 0.60
CA LEU C 266 -30.44 -28.10 -0.21
C LEU C 266 -29.63 -27.73 -1.45
N ALA C 267 -28.35 -27.49 -1.24
CA ALA C 267 -27.44 -27.13 -2.33
C ALA C 267 -27.32 -28.22 -3.39
N ALA C 268 -27.41 -29.47 -2.95
CA ALA C 268 -27.32 -30.60 -3.88
C ALA C 268 -28.61 -30.83 -4.63
N ALA C 269 -29.73 -30.49 -4.00
CA ALA C 269 -31.05 -30.68 -4.60
C ALA C 269 -31.52 -29.59 -5.55
N LEU C 270 -30.93 -28.41 -5.45
CA LEU C 270 -31.36 -27.29 -6.30
C LEU C 270 -30.26 -26.80 -7.24
N ASP C 271 -30.65 -26.35 -8.42
CA ASP C 271 -29.69 -25.81 -9.37
C ASP C 271 -29.31 -24.43 -8.82
N THR C 272 -30.31 -23.71 -8.30
CA THR C 272 -30.10 -22.39 -7.71
C THR C 272 -29.03 -22.45 -6.62
N PRO C 273 -28.02 -21.56 -6.70
CA PRO C 273 -26.97 -21.59 -5.68
C PRO C 273 -27.53 -21.28 -4.28
N ILE C 274 -26.86 -21.81 -3.27
CA ILE C 274 -27.23 -21.60 -1.88
C ILE C 274 -26.10 -20.78 -1.26
N ALA C 275 -26.46 -19.78 -0.46
CA ALA C 275 -25.47 -18.93 0.18
C ALA C 275 -25.66 -18.88 1.69
N THR C 276 -24.57 -18.88 2.44
CA THR C 276 -24.64 -18.81 3.89
C THR C 276 -23.27 -18.57 4.51
N GLY C 277 -23.26 -18.29 5.83
CA GLY C 277 -22.02 -18.08 6.53
C GLY C 277 -21.82 -16.76 7.26
N GLU C 278 -22.72 -15.79 7.07
CA GLU C 278 -22.57 -14.47 7.70
C GLU C 278 -22.58 -14.49 9.22
N MET C 279 -23.26 -15.47 9.81
CA MET C 279 -23.35 -15.56 11.26
C MET C 279 -22.15 -16.24 11.90
N LEU C 280 -21.35 -16.92 11.08
CA LEU C 280 -20.17 -17.63 11.58
C LEU C 280 -19.14 -16.66 12.13
N THR C 281 -18.46 -17.06 13.19
CA THR C 281 -17.50 -16.18 13.82
C THR C 281 -16.06 -16.66 13.93
N SER C 282 -15.58 -17.36 12.91
CA SER C 282 -14.20 -17.84 12.92
C SER C 282 -13.88 -18.65 11.68
N PHE C 283 -12.59 -18.80 11.41
CA PHE C 283 -12.16 -19.60 10.26
C PHE C 283 -12.69 -21.01 10.46
N ARG C 284 -12.44 -21.59 11.64
CA ARG C 284 -12.88 -22.95 11.92
C ARG C 284 -14.35 -23.22 11.63
N GLU C 285 -15.21 -22.27 11.99
CA GLU C 285 -16.64 -22.45 11.73
C GLU C 285 -16.88 -22.48 10.23
N HIS C 286 -16.26 -21.56 9.49
CA HIS C 286 -16.43 -21.53 8.04
C HIS C 286 -15.86 -22.78 7.37
N GLU C 287 -14.78 -23.31 7.92
CA GLU C 287 -14.13 -24.50 7.40
C GLU C 287 -15.09 -25.69 7.45
N GLN C 288 -15.85 -25.77 8.55
CA GLN C 288 -16.81 -26.86 8.71
C GLN C 288 -17.89 -26.79 7.63
N LEU C 289 -18.42 -25.60 7.39
CA LEU C 289 -19.45 -25.43 6.36
C LEU C 289 -18.89 -25.77 4.99
N ILE C 290 -17.65 -25.33 4.74
CA ILE C 290 -17.00 -25.58 3.46
C ILE C 290 -16.65 -27.05 3.23
N LEU C 291 -16.05 -27.72 4.22
CA LEU C 291 -15.73 -29.13 4.06
C LEU C 291 -17.02 -29.93 3.91
N GLY C 292 -18.09 -29.44 4.52
CA GLY C 292 -19.37 -30.12 4.44
C GLY C 292 -20.19 -29.72 3.22
N ASN C 293 -19.56 -29.00 2.29
CA ASN C 293 -20.24 -28.56 1.06
C ASN C 293 -21.61 -27.95 1.32
N ALA C 294 -21.69 -27.09 2.34
CA ALA C 294 -22.95 -26.44 2.69
C ALA C 294 -23.49 -25.47 1.66
N SER C 295 -22.62 -24.73 0.98
CA SER C 295 -23.12 -23.76 0.00
C SER C 295 -22.22 -23.50 -1.19
N ASP C 296 -22.84 -22.90 -2.21
CA ASP C 296 -22.18 -22.53 -3.45
C ASP C 296 -21.51 -21.16 -3.26
N PHE C 297 -22.13 -20.33 -2.43
CA PHE C 297 -21.61 -19.01 -2.11
C PHE C 297 -21.24 -18.97 -0.65
N VAL C 298 -20.01 -18.57 -0.35
CA VAL C 298 -19.55 -18.46 1.03
C VAL C 298 -19.68 -16.97 1.39
N GLN C 299 -20.27 -16.68 2.53
CA GLN C 299 -20.48 -15.29 2.94
C GLN C 299 -19.82 -14.94 4.27
N PRO C 300 -18.48 -14.83 4.29
CA PRO C 300 -17.81 -14.49 5.54
C PRO C 300 -17.93 -12.98 5.82
N ASP C 301 -17.70 -12.60 7.06
CA ASP C 301 -17.80 -11.21 7.51
C ASP C 301 -16.49 -10.94 8.24
N ALA C 302 -15.62 -10.10 7.67
CA ALA C 302 -14.32 -9.85 8.29
C ALA C 302 -14.42 -9.43 9.77
N PRO C 303 -15.27 -8.46 10.10
CA PRO C 303 -15.38 -8.07 11.51
C PRO C 303 -15.79 -9.24 12.39
N ARG C 304 -16.77 -10.01 11.93
CA ARG C 304 -17.27 -11.16 12.70
C ARG C 304 -16.34 -12.35 12.82
N VAL C 305 -15.52 -12.60 11.80
CA VAL C 305 -14.63 -13.76 11.86
C VAL C 305 -13.28 -13.47 12.49
N GLY C 306 -13.04 -12.22 12.87
CA GLY C 306 -11.77 -11.89 13.50
C GLY C 306 -10.87 -10.98 12.70
N GLY C 307 -11.39 -10.41 11.61
CA GLY C 307 -10.59 -9.49 10.81
C GLY C 307 -10.17 -9.97 9.44
N ILE C 308 -9.34 -9.16 8.79
CA ILE C 308 -8.83 -9.47 7.46
C ILE C 308 -7.95 -10.72 7.43
N SER C 309 -7.12 -10.91 8.44
CA SER C 309 -6.23 -12.06 8.50
C SER C 309 -7.00 -13.39 8.40
N PRO C 310 -7.98 -13.62 9.30
CA PRO C 310 -8.70 -14.89 9.17
C PRO C 310 -9.55 -14.94 7.90
N PHE C 311 -10.06 -13.79 7.50
CA PHE C 311 -10.88 -13.70 6.29
C PHE C 311 -10.09 -14.18 5.08
N LEU C 312 -8.82 -13.83 5.01
CA LEU C 312 -7.99 -14.25 3.88
C LEU C 312 -7.91 -15.78 3.85
N LYS C 313 -7.75 -16.40 5.02
CA LYS C 313 -7.68 -17.87 5.09
C LYS C 313 -8.98 -18.48 4.60
N ILE C 314 -10.09 -17.87 4.99
CA ILE C 314 -11.40 -18.35 4.57
C ILE C 314 -11.50 -18.26 3.04
N MET C 315 -11.07 -17.13 2.50
CA MET C 315 -11.09 -16.89 1.05
C MET C 315 -10.34 -17.98 0.30
N ASP C 316 -9.14 -18.30 0.78
CA ASP C 316 -8.32 -19.31 0.13
C ASP C 316 -8.98 -20.68 0.17
N LEU C 317 -9.56 -21.02 1.32
CA LEU C 317 -10.21 -22.31 1.46
C LEU C 317 -11.40 -22.39 0.50
N ALA C 318 -12.22 -21.34 0.49
CA ALA C 318 -13.38 -21.32 -0.38
C ALA C 318 -12.92 -21.49 -1.83
N ALA C 319 -11.83 -20.80 -2.17
CA ALA C 319 -11.29 -20.85 -3.52
C ALA C 319 -10.88 -22.27 -3.92
N LYS C 320 -10.20 -22.99 -3.03
CA LYS C 320 -9.79 -24.36 -3.31
C LYS C 320 -11.02 -25.21 -3.63
N HIS C 321 -12.14 -24.93 -2.97
CA HIS C 321 -13.36 -25.70 -3.20
C HIS C 321 -14.26 -25.10 -4.27
N GLY C 322 -13.69 -24.22 -5.09
CA GLY C 322 -14.43 -23.60 -6.17
C GLY C 322 -15.72 -22.91 -5.80
N ARG C 323 -15.76 -22.27 -4.63
CA ARG C 323 -16.97 -21.57 -4.20
C ARG C 323 -16.83 -20.08 -4.52
N LYS C 324 -17.98 -19.43 -4.77
CA LYS C 324 -17.99 -18.01 -5.05
C LYS C 324 -18.01 -17.29 -3.69
N LEU C 325 -17.68 -16.00 -3.71
CA LEU C 325 -17.63 -15.19 -2.48
C LEU C 325 -18.65 -14.06 -2.52
N ALA C 326 -19.37 -13.90 -1.41
CA ALA C 326 -20.36 -12.84 -1.29
C ALA C 326 -20.31 -12.35 0.16
N PRO C 327 -19.26 -11.60 0.53
CA PRO C 327 -19.06 -11.05 1.87
C PRO C 327 -20.29 -10.34 2.40
N HIS C 328 -20.49 -10.40 3.72
CA HIS C 328 -21.64 -9.77 4.35
C HIS C 328 -21.35 -8.43 5.04
N PHE C 329 -22.16 -7.42 4.73
CA PHE C 329 -22.04 -6.10 5.35
C PHE C 329 -20.74 -5.37 5.04
N ALA C 330 -20.36 -4.45 5.93
CA ALA C 330 -19.14 -3.65 5.83
C ALA C 330 -18.44 -3.63 4.46
N MET C 331 -19.06 -2.98 3.48
CA MET C 331 -18.48 -2.90 2.15
C MET C 331 -17.20 -2.09 2.11
N GLU C 332 -17.02 -1.23 3.10
CA GLU C 332 -15.84 -0.39 3.19
C GLU C 332 -14.59 -1.26 3.31
N VAL C 333 -14.76 -2.47 3.82
CA VAL C 333 -13.64 -3.39 3.96
C VAL C 333 -13.74 -4.52 2.95
N HIS C 334 -14.95 -5.04 2.75
CA HIS C 334 -15.17 -6.15 1.82
C HIS C 334 -14.93 -5.81 0.35
N LEU C 335 -15.05 -4.53 0.01
CA LEU C 335 -14.80 -4.12 -1.38
C LEU C 335 -13.40 -4.57 -1.76
N HIS C 336 -12.44 -4.30 -0.89
CA HIS C 336 -11.06 -4.66 -1.13
C HIS C 336 -10.84 -6.18 -1.14
N LEU C 337 -11.42 -6.87 -0.16
CA LEU C 337 -11.27 -8.31 -0.05
C LEU C 337 -11.87 -9.03 -1.26
N SER C 338 -13.09 -8.65 -1.64
CA SER C 338 -13.73 -9.28 -2.78
C SER C 338 -12.99 -8.95 -4.09
N ALA C 339 -12.28 -7.82 -4.11
CA ALA C 339 -11.53 -7.43 -5.30
C ALA C 339 -10.33 -8.38 -5.44
N ALA C 340 -9.89 -8.93 -4.30
CA ALA C 340 -8.76 -9.85 -4.29
C ALA C 340 -9.14 -11.32 -4.49
N TYR C 341 -10.43 -11.62 -4.56
CA TYR C 341 -10.87 -13.01 -4.73
C TYR C 341 -10.70 -13.49 -6.18
N PRO C 342 -10.22 -14.73 -6.37
CA PRO C 342 -10.01 -15.32 -7.70
C PRO C 342 -11.25 -15.36 -8.58
N LEU C 343 -12.37 -15.83 -8.03
CA LEU C 343 -13.62 -15.92 -8.80
C LEU C 343 -14.48 -14.66 -8.63
N GLU C 344 -15.27 -14.31 -9.65
CA GLU C 344 -16.08 -13.09 -9.57
C GLU C 344 -17.05 -13.12 -8.38
N PRO C 345 -16.89 -12.15 -7.46
CA PRO C 345 -17.72 -12.02 -6.26
C PRO C 345 -18.87 -11.04 -6.37
N TRP C 346 -19.58 -10.88 -5.26
CA TRP C 346 -20.68 -9.95 -5.16
C TRP C 346 -20.44 -9.14 -3.89
N LEU C 347 -20.81 -7.87 -3.92
CA LEU C 347 -20.64 -6.98 -2.77
C LEU C 347 -22.02 -6.55 -2.31
N GLU C 348 -22.24 -6.57 -1.00
CA GLU C 348 -23.53 -6.18 -0.45
C GLU C 348 -23.56 -4.69 -0.08
N HIS C 349 -24.67 -4.03 -0.41
CA HIS C 349 -24.79 -2.61 -0.12
C HIS C 349 -25.85 -2.16 0.88
N PHE C 350 -25.39 -1.30 1.78
CA PHE C 350 -26.21 -0.66 2.80
C PHE C 350 -25.71 0.78 2.74
N GLU C 351 -26.50 1.72 3.20
CA GLU C 351 -26.06 3.12 3.23
C GLU C 351 -25.78 3.48 4.68
N TRP C 352 -26.21 2.58 5.58
CA TRP C 352 -26.07 2.74 7.03
C TRP C 352 -24.77 3.31 7.55
N LEU C 353 -23.64 2.82 7.06
CA LEU C 353 -22.35 3.29 7.54
C LEU C 353 -21.82 4.55 6.86
N ASN C 354 -22.49 5.03 5.83
CA ASN C 354 -22.04 6.21 5.10
C ASN C 354 -21.67 7.42 5.98
N PRO C 355 -22.56 7.81 6.91
CA PRO C 355 -22.30 8.95 7.77
C PRO C 355 -21.07 8.84 8.68
N LEU C 356 -20.50 7.64 8.77
CA LEU C 356 -19.31 7.43 9.60
C LEU C 356 -18.03 7.89 8.91
N PHE C 357 -18.09 7.98 7.58
CA PHE C 357 -16.90 8.34 6.82
C PHE C 357 -17.07 9.60 5.99
N ASN C 358 -15.95 10.24 5.73
CA ASN C 358 -15.95 11.46 4.94
C ASN C 358 -16.06 11.16 3.47
N GLU C 359 -15.64 9.95 3.09
CA GLU C 359 -15.69 9.54 1.69
C GLU C 359 -16.83 8.56 1.43
N GLN C 360 -17.24 8.47 0.17
CA GLN C 360 -18.28 7.55 -0.24
C GLN C 360 -17.77 6.79 -1.45
N LEU C 361 -18.16 5.53 -1.58
CA LEU C 361 -17.73 4.70 -2.70
C LEU C 361 -18.51 5.06 -3.96
N GLU C 362 -17.89 4.86 -5.11
CA GLU C 362 -18.52 5.17 -6.38
C GLU C 362 -19.28 3.97 -6.97
N LEU C 363 -20.59 4.13 -7.15
CA LEU C 363 -21.41 3.07 -7.72
C LEU C 363 -21.67 3.41 -9.18
N ARG C 364 -21.09 2.62 -10.08
CA ARG C 364 -21.25 2.88 -11.52
C ARG C 364 -21.61 1.61 -12.29
N ASP C 365 -22.71 1.69 -13.03
CA ASP C 365 -23.17 0.58 -13.86
C ASP C 365 -23.17 -0.77 -13.15
N GLY C 366 -23.87 -0.85 -12.02
CA GLY C 366 -23.96 -2.09 -11.28
C GLY C 366 -22.73 -2.52 -10.51
N ARG C 367 -21.66 -1.74 -10.55
CA ARG C 367 -20.44 -2.12 -9.84
C ARG C 367 -19.91 -1.01 -8.93
N MET C 368 -19.19 -1.43 -7.89
CA MET C 368 -18.60 -0.52 -6.92
C MET C 368 -17.11 -0.43 -7.27
N TRP C 369 -16.65 0.78 -7.60
CA TRP C 369 -15.25 0.97 -7.98
C TRP C 369 -14.31 1.29 -6.84
N ILE C 370 -13.12 0.72 -6.89
CA ILE C 370 -12.12 0.96 -5.87
C ILE C 370 -11.44 2.29 -6.20
N SER C 371 -11.47 3.23 -5.26
CA SER C 371 -10.85 4.53 -5.47
C SER C 371 -9.34 4.41 -5.35
N ASP C 372 -8.62 5.49 -5.63
CA ASP C 372 -7.18 5.47 -5.53
C ASP C 372 -6.71 5.80 -4.11
N ARG C 373 -7.65 5.95 -3.18
CA ARG C 373 -7.28 6.25 -1.80
C ARG C 373 -6.57 5.06 -1.16
N HIS C 374 -5.62 5.36 -0.28
CA HIS C 374 -4.83 4.31 0.38
C HIS C 374 -5.53 3.53 1.49
N GLY C 375 -5.06 2.31 1.72
CA GLY C 375 -5.66 1.45 2.74
C GLY C 375 -7.12 1.23 2.43
N LEU C 376 -7.96 1.26 3.45
CA LEU C 376 -9.39 1.07 3.25
C LEU C 376 -9.95 2.24 2.45
N GLY C 377 -9.24 3.37 2.45
CA GLY C 377 -9.69 4.54 1.71
C GLY C 377 -10.77 5.36 2.41
N PHE C 378 -10.82 5.29 3.74
CA PHE C 378 -11.82 6.05 4.49
C PHE C 378 -11.22 6.79 5.68
N THR C 379 -11.81 7.94 6.02
CA THR C 379 -11.37 8.72 7.19
C THR C 379 -12.63 8.89 8.01
N LEU C 380 -12.49 8.93 9.34
CA LEU C 380 -13.64 9.08 10.20
C LEU C 380 -14.24 10.49 10.12
N SER C 381 -15.57 10.57 10.16
CA SER C 381 -16.25 11.85 10.08
C SER C 381 -16.54 12.46 11.44
N GLU C 382 -16.97 13.71 11.43
CA GLU C 382 -17.32 14.42 12.66
C GLU C 382 -18.44 13.62 13.33
N GLN C 383 -19.38 13.14 12.51
CA GLN C 383 -20.51 12.38 13.00
C GLN C 383 -20.09 11.12 13.78
N ALA C 384 -19.02 10.49 13.33
CA ALA C 384 -18.52 9.28 13.98
C ALA C 384 -18.16 9.62 15.42
N ARG C 385 -17.57 10.80 15.61
CA ARG C 385 -17.17 11.24 16.94
C ARG C 385 -18.39 11.62 17.78
N ARG C 386 -19.41 12.18 17.14
CA ARG C 386 -20.62 12.55 17.86
C ARG C 386 -21.33 11.30 18.37
N TRP C 387 -21.35 10.26 17.54
CA TRP C 387 -22.00 9.02 17.92
C TRP C 387 -21.17 8.13 18.85
N THR C 388 -19.98 8.58 19.23
CA THR C 388 -19.13 7.80 20.12
C THR C 388 -19.60 7.95 21.56
N GLN C 389 -19.81 6.83 22.24
CA GLN C 389 -20.26 6.86 23.61
C GLN C 389 -19.17 6.51 24.61
N LEU C 390 -18.19 5.71 24.19
CA LEU C 390 -17.09 5.34 25.06
C LEU C 390 -15.80 5.36 24.27
N THR C 391 -14.72 5.78 24.90
CA THR C 391 -13.44 5.82 24.23
C THR C 391 -12.32 5.71 25.25
N CYS C 392 -11.17 5.19 24.82
CA CYS C 392 -10.01 5.05 25.69
C CYS C 392 -8.76 5.09 24.82
N GLU C 393 -7.64 5.44 25.42
CA GLU C 393 -6.40 5.55 24.69
C GLU C 393 -5.24 4.89 25.44
N PHE C 394 -4.21 4.50 24.68
CA PHE C 394 -3.04 3.84 25.22
C PHE C 394 -1.82 4.45 24.55
N GLY C 395 -0.73 4.60 25.31
CA GLY C 395 0.47 5.17 24.76
C GLY C 395 0.38 6.68 24.63
N LYS C 396 1.15 7.25 23.71
CA LYS C 396 1.13 8.69 23.51
C LYS C 396 1.27 9.00 22.03
N ARG C 397 0.46 9.94 21.55
CA ARG C 397 0.50 10.33 20.14
C ARG C 397 1.92 10.71 19.74
N PRO C 398 2.47 10.04 18.71
CA PRO C 398 3.82 10.33 18.24
C PRO C 398 3.95 11.77 17.74
#